data_5YHS
#
_entry.id   5YHS
#
_cell.length_a   113.997
_cell.length_b   113.997
_cell.length_c   148.678
_cell.angle_alpha   90.00
_cell.angle_beta   90.00
_cell.angle_gamma   120.00
#
_symmetry.space_group_name_H-M   'P 32 2 1'
#
loop_
_entity.id
_entity.type
_entity.pdbx_description
1 polymer 'Pyruvylated beta-D-galactosidase'
2 water water
#
_entity_poly.entity_id   1
_entity_poly.type   'polypeptide(L)'
_entity_poly.pdbx_seq_one_letter_code
;MKFPHDFLFGAASASYQVEGAWNEDGKGVTNWDEFSKIPGKTYNGTNGDIAVDHYHRYKEDVRLMAEMGLESYRFSISWA
RILPTGDGKVNEKGIEFYNNLIDECLKYGIVPFVTLYHWDLPLPLEKDGGWTNKRTAEAFVKYAETCFKAFGDRVKHWIT
FNETVMFCGLGYLKGAHPPGIQNDVPKYFQATHYVFYAHAKTVAVYKQLKQYGEIGITHVFLPAYSVDDQKENIQAANHA
NEYETYWYYDPILKGEYPSYVVQQLKEKGWTPNWTVEELEIIKQNAEENDFIGLNYYQPIRVERYDMDIKSEEHSRENST
LAPGNPSFDGFYRTVKMDDKTYTKWGWEISPEGFLEGLHMLKARYGDIKMYVTENGLGDEDPIIDGEIVDVPRIKFIEAH
LKVMKRAIEEGINLKGYYAWSVIDLLSWLNGYKKQYGFIFVDHNDNLKRKKKLSFHWYKRVVETRGEELHHHHHH
;
_entity_poly.pdbx_strand_id   A,B
#
# COMPACT_ATOMS: atom_id res chain seq x y z
N MET A 1 37.29 -34.50 -5.05
CA MET A 1 37.09 -33.15 -4.41
C MET A 1 35.72 -32.51 -4.81
N LYS A 2 34.66 -33.33 -4.76
CA LYS A 2 33.35 -33.09 -5.42
C LYS A 2 32.61 -31.70 -5.24
N PHE A 3 32.55 -31.12 -4.05
CA PHE A 3 31.94 -29.77 -3.89
C PHE A 3 32.91 -28.75 -4.45
N PRO A 4 32.41 -27.71 -5.15
CA PRO A 4 33.40 -26.82 -5.76
C PRO A 4 34.07 -25.88 -4.75
N HIS A 5 35.20 -25.33 -5.16
CA HIS A 5 35.98 -24.43 -4.31
C HIS A 5 35.36 -23.06 -3.98
N ASP A 6 34.30 -22.69 -4.70
CA ASP A 6 33.49 -21.49 -4.42
C ASP A 6 32.31 -21.83 -3.55
N PHE A 7 32.26 -23.09 -3.08
CA PHE A 7 31.36 -23.55 -2.01
C PHE A 7 32.18 -23.55 -0.73
N LEU A 8 31.64 -22.92 0.31
CA LEU A 8 32.25 -22.83 1.63
C LEU A 8 31.62 -23.84 2.59
N PHE A 9 32.47 -24.60 3.29
CA PHE A 9 32.11 -25.48 4.45
C PHE A 9 32.39 -24.68 5.71
N GLY A 10 31.38 -24.55 6.55
CA GLY A 10 31.56 -23.73 7.74
C GLY A 10 30.82 -24.28 8.90
N ALA A 11 30.86 -23.49 9.95
CA ALA A 11 30.07 -23.69 11.15
C ALA A 11 29.66 -22.32 11.71
N ALA A 12 28.66 -22.34 12.56
CA ALA A 12 27.95 -21.12 12.99
C ALA A 12 27.87 -20.97 14.52
N SER A 13 27.85 -19.74 15.01
CA SER A 13 27.36 -19.44 16.37
C SER A 13 26.43 -18.21 16.38
N ALA A 14 25.85 -17.90 17.55
CA ALA A 14 25.18 -16.62 17.80
C ALA A 14 25.70 -15.95 19.09
N SER A 15 25.75 -14.64 19.09
CA SER A 15 26.45 -13.85 20.15
C SER A 15 26.06 -14.19 21.58
N TYR A 16 24.78 -14.06 21.88
CA TYR A 16 24.28 -14.23 23.26
C TYR A 16 24.48 -15.69 23.71
N GLN A 17 24.34 -16.60 22.74
CA GLN A 17 24.54 -18.02 22.97
C GLN A 17 25.99 -18.44 23.35
N VAL A 18 27.01 -17.78 22.77
CA VAL A 18 28.44 -18.12 23.05
C VAL A 18 29.23 -17.12 23.90
N GLU A 19 28.94 -15.84 23.77
CA GLU A 19 29.90 -14.82 24.17
C GLU A 19 30.15 -14.70 25.64
N GLY A 20 29.06 -14.51 26.38
CA GLY A 20 29.16 -14.13 27.76
C GLY A 20 29.55 -12.68 27.81
N ALA A 21 30.36 -12.34 28.83
CA ALA A 21 30.83 -10.99 29.09
C ALA A 21 29.71 -9.97 28.84
N TRP A 22 28.57 -10.27 29.49
CA TRP A 22 27.26 -9.61 29.27
C TRP A 22 27.24 -8.16 29.69
N ASN A 23 28.11 -7.81 30.63
CA ASN A 23 28.22 -6.43 31.19
C ASN A 23 29.62 -5.84 31.08
N GLU A 24 30.44 -6.44 30.22
CA GLU A 24 31.81 -5.97 29.99
C GLU A 24 31.95 -4.93 28.86
N ASP A 25 33.09 -4.25 28.88
CA ASP A 25 33.47 -3.28 27.85
C ASP A 25 32.33 -2.52 27.20
N GLY A 26 31.43 -2.06 28.05
CA GLY A 26 30.40 -1.10 27.66
C GLY A 26 29.22 -1.66 26.92
N LYS A 27 29.02 -2.97 27.00
CA LYS A 27 27.87 -3.60 26.36
C LYS A 27 26.61 -3.13 27.06
N GLY A 28 25.66 -2.65 26.27
CA GLY A 28 24.33 -2.36 26.78
C GLY A 28 23.61 -3.63 27.19
N VAL A 29 22.70 -3.50 28.14
CA VAL A 29 21.69 -4.54 28.37
C VAL A 29 20.79 -4.76 27.12
N THR A 30 20.37 -6.00 26.94
CA THR A 30 19.52 -6.40 25.83
C THR A 30 18.26 -7.07 26.30
N ASN A 31 17.37 -7.36 25.37
CA ASN A 31 16.13 -8.02 25.72
C ASN A 31 16.30 -9.37 26.41
N TRP A 32 17.29 -10.15 25.98
CA TRP A 32 17.52 -11.46 26.50
C TRP A 32 18.20 -11.44 27.81
N ASP A 33 19.05 -10.46 28.06
CA ASP A 33 19.63 -10.28 29.40
C ASP A 33 18.54 -10.14 30.49
N GLU A 34 17.56 -9.28 30.25
CA GLU A 34 16.36 -9.17 31.11
C GLU A 34 15.43 -10.41 31.12
N PHE A 35 15.00 -10.86 29.94
CA PHE A 35 14.03 -11.98 29.78
C PHE A 35 14.46 -13.28 30.44
N SER A 36 15.70 -13.67 30.21
CA SER A 36 16.25 -14.88 30.87
C SER A 36 16.34 -14.84 32.42
N LYS A 37 16.18 -13.66 33.03
CA LYS A 37 16.16 -13.54 34.50
C LYS A 37 14.76 -13.40 35.09
N ILE A 38 13.73 -13.52 34.25
CA ILE A 38 12.37 -13.65 34.73
C ILE A 38 12.20 -15.12 35.06
N PRO A 39 11.99 -15.47 36.35
CA PRO A 39 11.82 -16.88 36.75
C PRO A 39 10.78 -17.66 35.94
N GLY A 40 11.11 -18.91 35.62
CA GLY A 40 10.23 -19.79 34.84
C GLY A 40 10.31 -19.68 33.33
N LYS A 41 11.11 -18.74 32.81
CA LYS A 41 11.23 -18.50 31.34
C LYS A 41 12.28 -19.38 30.65
N THR A 42 13.35 -19.71 31.38
CA THR A 42 14.49 -20.46 30.83
C THR A 42 14.86 -21.64 31.75
N TYR A 43 15.24 -22.75 31.12
CA TYR A 43 15.60 -24.01 31.81
C TYR A 43 16.63 -23.78 32.89
N ASN A 44 16.45 -24.40 34.04
CA ASN A 44 17.30 -24.18 35.24
C ASN A 44 17.62 -22.69 35.60
N GLY A 45 16.93 -21.74 34.98
CA GLY A 45 17.28 -20.33 35.12
C GLY A 45 18.66 -20.00 34.60
N THR A 46 18.99 -20.63 33.48
CA THR A 46 20.28 -20.45 32.79
C THR A 46 20.48 -19.05 32.22
N ASN A 47 21.75 -18.68 32.19
CA ASN A 47 22.19 -17.30 32.03
C ASN A 47 23.10 -17.18 30.83
N GLY A 48 22.87 -16.11 30.05
CA GLY A 48 23.84 -15.63 29.08
C GLY A 48 24.87 -14.65 29.66
N ASP A 49 24.97 -14.57 30.97
CA ASP A 49 26.02 -13.80 31.65
C ASP A 49 27.45 -14.24 31.31
N ILE A 50 27.66 -15.56 31.38
CA ILE A 50 28.93 -16.19 31.04
C ILE A 50 28.82 -16.99 29.74
N ALA A 51 27.70 -17.68 29.54
CA ALA A 51 27.46 -18.54 28.37
C ALA A 51 28.53 -19.64 28.30
N VAL A 52 29.34 -19.65 27.23
CA VAL A 52 30.50 -20.52 27.06
C VAL A 52 31.79 -19.64 27.10
N ASP A 53 31.67 -18.42 27.60
CA ASP A 53 32.78 -17.49 27.76
C ASP A 53 33.59 -17.18 26.49
N HIS A 54 32.94 -17.22 25.33
CA HIS A 54 33.66 -17.08 24.05
C HIS A 54 34.35 -15.72 23.80
N TYR A 55 33.92 -14.72 24.54
CA TYR A 55 34.46 -13.39 24.44
C TYR A 55 35.90 -13.39 24.83
N HIS A 56 36.17 -14.01 25.97
CA HIS A 56 37.52 -14.09 26.53
C HIS A 56 38.39 -15.17 25.90
N ARG A 57 37.77 -16.18 25.29
CA ARG A 57 38.50 -17.33 24.75
C ARG A 57 38.50 -17.43 23.25
N TYR A 58 38.22 -16.31 22.58
CA TYR A 58 38.00 -16.32 21.12
C TYR A 58 39.24 -16.79 20.33
N LYS A 59 40.43 -16.34 20.74
CA LYS A 59 41.66 -16.73 20.09
C LYS A 59 41.76 -18.25 20.12
N GLU A 60 41.41 -18.86 21.26
CA GLU A 60 41.47 -20.32 21.41
C GLU A 60 40.51 -21.00 20.45
N ASP A 61 39.33 -20.42 20.34
CA ASP A 61 38.22 -21.06 19.65
C ASP A 61 38.46 -21.04 18.17
N VAL A 62 38.97 -19.92 17.70
CA VAL A 62 39.31 -19.76 16.32
C VAL A 62 40.47 -20.70 15.94
N ARG A 63 41.45 -20.87 16.82
CA ARG A 63 42.51 -21.89 16.65
C ARG A 63 41.92 -23.29 16.38
N LEU A 64 40.93 -23.69 17.17
CA LEU A 64 40.30 -24.98 16.98
C LEU A 64 39.59 -25.07 15.63
N MET A 65 38.90 -24.00 15.25
CA MET A 65 38.34 -23.87 13.90
C MET A 65 39.45 -24.01 12.83
N ALA A 66 40.55 -23.28 13.00
CA ALA A 66 41.67 -23.43 12.08
C ALA A 66 42.07 -24.92 12.04
N GLU A 67 42.23 -25.56 13.19
CA GLU A 67 42.63 -26.98 13.21
C GLU A 67 41.56 -27.91 12.60
N MET A 68 40.30 -27.45 12.57
CA MET A 68 39.22 -28.18 11.93
C MET A 68 39.30 -28.09 10.42
N GLY A 69 40.19 -27.24 9.93
CA GLY A 69 40.15 -26.79 8.55
C GLY A 69 38.81 -26.18 8.14
N LEU A 70 38.21 -25.42 9.04
CA LEU A 70 36.98 -24.71 8.76
C LEU A 70 37.26 -23.60 7.72
N GLU A 71 36.43 -23.56 6.69
CA GLU A 71 36.58 -22.56 5.63
C GLU A 71 35.92 -21.24 6.00
N SER A 72 34.81 -21.33 6.75
CA SER A 72 34.05 -20.12 7.11
C SER A 72 33.45 -20.23 8.50
N TYR A 73 33.56 -19.13 9.25
CA TYR A 73 32.88 -18.98 10.49
C TYR A 73 31.73 -17.95 10.37
N ARG A 74 30.52 -18.44 10.53
CA ARG A 74 29.35 -17.58 10.70
C ARG A 74 29.11 -17.30 12.18
N PHE A 75 29.28 -16.03 12.55
CA PHE A 75 28.97 -15.56 13.89
C PHE A 75 28.05 -14.33 13.83
N SER A 76 27.48 -13.95 14.97
CA SER A 76 26.68 -12.74 15.06
C SER A 76 27.37 -11.61 15.85
N ILE A 77 27.21 -10.40 15.36
CA ILE A 77 27.60 -9.24 16.14
C ILE A 77 26.46 -8.96 17.14
N SER A 78 26.88 -8.63 18.37
CA SER A 78 25.97 -8.13 19.41
C SER A 78 25.81 -6.63 19.21
N TRP A 79 24.63 -6.24 18.73
CA TRP A 79 24.23 -4.85 18.60
C TRP A 79 24.58 -4.00 19.85
N ALA A 80 24.32 -4.53 21.03
CA ALA A 80 24.60 -3.81 22.26
C ALA A 80 26.06 -3.57 22.52
N ARG A 81 26.95 -4.28 21.81
CA ARG A 81 28.41 -4.00 21.90
C ARG A 81 28.83 -2.84 21.02
N ILE A 82 28.17 -2.69 19.88
CA ILE A 82 28.56 -1.66 18.91
C ILE A 82 27.90 -0.35 19.29
N LEU A 83 26.57 -0.41 19.41
CA LEU A 83 25.69 0.70 19.82
C LEU A 83 24.85 0.25 21.03
N PRO A 84 25.31 0.54 22.25
CA PRO A 84 24.74 0.00 23.51
C PRO A 84 23.25 0.21 23.74
N THR A 85 22.74 1.38 23.39
CA THR A 85 21.34 1.71 23.56
C THR A 85 20.53 1.57 22.26
N GLY A 86 21.19 1.18 21.16
CA GLY A 86 20.52 0.91 19.86
C GLY A 86 20.83 1.94 18.79
N ASP A 87 20.99 3.17 19.24
CA ASP A 87 21.44 4.28 18.43
C ASP A 87 22.44 5.07 19.31
N GLY A 88 22.77 6.28 18.87
CA GLY A 88 23.55 7.18 19.69
C GLY A 88 25.01 6.87 19.58
N LYS A 89 25.72 6.95 20.67
CA LYS A 89 27.18 6.90 20.66
C LYS A 89 27.68 5.45 20.31
N VAL A 90 28.60 5.39 19.36
CA VAL A 90 29.27 4.14 19.00
C VAL A 90 30.21 3.80 20.15
N ASN A 91 30.33 2.50 20.45
CA ASN A 91 31.17 1.98 21.50
C ASN A 91 32.47 1.39 20.92
N GLU A 92 33.57 2.12 21.02
CA GLU A 92 34.84 1.71 20.40
C GLU A 92 35.37 0.35 20.90
N LYS A 93 35.02 -0.08 22.09
CA LYS A 93 35.49 -1.41 22.58
C LYS A 93 34.70 -2.60 22.04
N GLY A 94 33.49 -2.36 21.56
CA GLY A 94 32.75 -3.38 20.80
C GLY A 94 33.38 -3.58 19.43
N ILE A 95 33.72 -2.46 18.78
CA ILE A 95 34.40 -2.46 17.49
C ILE A 95 35.81 -3.12 17.58
N GLU A 96 36.55 -2.83 18.65
CA GLU A 96 37.84 -3.46 18.95
C GLU A 96 37.68 -5.00 19.03
N PHE A 97 36.64 -5.47 19.71
CA PHE A 97 36.46 -6.92 19.91
C PHE A 97 36.16 -7.65 18.59
N TYR A 98 35.23 -7.12 17.83
CA TYR A 98 34.85 -7.75 16.59
C TYR A 98 35.88 -7.64 15.53
N ASN A 99 36.74 -6.65 15.64
CA ASN A 99 37.84 -6.49 14.72
C ASN A 99 38.85 -7.59 15.00
N ASN A 100 39.04 -7.92 16.26
CA ASN A 100 39.93 -8.98 16.64
C ASN A 100 39.43 -10.35 16.25
N LEU A 101 38.14 -10.57 16.35
CA LEU A 101 37.53 -11.85 16.00
C LEU A 101 37.69 -12.08 14.50
N ILE A 102 37.40 -11.03 13.76
CA ILE A 102 37.54 -11.00 12.30
C ILE A 102 38.97 -11.23 11.84
N ASP A 103 39.90 -10.47 12.42
CA ASP A 103 41.33 -10.57 12.08
C ASP A 103 41.91 -11.95 12.38
N GLU A 104 41.40 -12.60 13.43
CA GLU A 104 41.83 -13.93 13.82
C GLU A 104 41.36 -15.00 12.89
N CYS A 105 40.07 -15.01 12.60
CA CYS A 105 39.56 -15.84 11.52
C CYS A 105 40.47 -15.67 10.30
N LEU A 106 40.70 -14.41 9.93
CA LEU A 106 41.46 -14.09 8.74
C LEU A 106 42.95 -14.52 8.77
N LYS A 107 43.61 -14.44 9.94
CA LYS A 107 44.97 -15.01 10.13
C LYS A 107 45.03 -16.37 9.50
N TYR A 108 44.08 -17.22 9.89
CA TYR A 108 43.99 -18.61 9.46
C TYR A 108 43.26 -18.85 8.12
N GLY A 109 42.92 -17.77 7.42
CA GLY A 109 42.24 -17.89 6.13
C GLY A 109 40.78 -18.27 6.20
N ILE A 110 40.21 -18.15 7.39
CA ILE A 110 38.80 -18.46 7.64
C ILE A 110 38.01 -17.19 7.31
N VAL A 111 36.95 -17.41 6.56
CA VAL A 111 36.08 -16.36 6.02
C VAL A 111 35.01 -15.96 7.04
N PRO A 112 35.13 -14.73 7.58
CA PRO A 112 33.99 -14.25 8.35
C PRO A 112 32.73 -14.10 7.44
N PHE A 113 31.60 -14.63 7.91
CA PHE A 113 30.27 -14.40 7.33
C PHE A 113 29.51 -13.83 8.52
N VAL A 114 29.18 -12.55 8.51
CA VAL A 114 28.60 -11.92 9.71
C VAL A 114 27.09 -11.76 9.69
N THR A 115 26.45 -12.24 10.75
CA THR A 115 25.04 -12.02 11.07
C THR A 115 24.91 -10.78 11.96
N LEU A 116 24.16 -9.80 11.47
CA LEU A 116 23.99 -8.52 12.15
C LEU A 116 23.02 -8.62 13.32
N TYR A 117 21.91 -9.33 13.13
CA TYR A 117 20.89 -9.51 14.20
C TYR A 117 20.45 -10.98 14.37
N HIS A 118 20.87 -11.54 15.51
CA HIS A 118 20.51 -12.90 15.89
C HIS A 118 19.82 -12.80 17.24
N TRP A 119 18.73 -12.03 17.27
CA TRP A 119 17.72 -12.01 18.35
C TRP A 119 18.07 -11.16 19.58
N ASP A 120 19.29 -10.63 19.67
CA ASP A 120 19.77 -10.00 20.90
C ASP A 120 19.71 -8.47 20.74
N LEU A 121 18.46 -7.98 20.76
CA LEU A 121 18.10 -6.54 20.70
C LEU A 121 18.40 -5.70 21.96
N PRO A 122 19.10 -4.57 21.80
CA PRO A 122 19.32 -3.72 22.98
C PRO A 122 17.99 -3.24 23.62
N LEU A 123 17.98 -3.18 24.96
CA LEU A 123 16.73 -3.16 25.72
C LEU A 123 15.83 -1.98 25.38
N PRO A 124 16.41 -0.75 25.34
CA PRO A 124 15.66 0.46 24.95
C PRO A 124 14.74 0.26 23.76
N LEU A 125 15.28 -0.39 22.73
CA LEU A 125 14.55 -0.66 21.51
C LEU A 125 13.48 -1.73 21.69
N GLU A 126 13.68 -2.69 22.62
CA GLU A 126 12.58 -3.63 23.00
C GLU A 126 11.38 -2.92 23.63
N LYS A 127 11.68 -2.06 24.61
CA LYS A 127 10.71 -1.17 25.27
C LYS A 127 10.03 -0.11 24.36
N ASP A 128 10.68 0.28 23.26
CA ASP A 128 10.01 1.00 22.18
C ASP A 128 8.97 0.12 21.46
N GLY A 129 8.79 -1.16 21.85
CA GLY A 129 7.95 -2.09 21.08
C GLY A 129 8.74 -2.92 20.06
N GLY A 130 10.06 -2.84 20.13
CA GLY A 130 10.96 -3.61 19.28
C GLY A 130 10.54 -3.54 17.83
N TRP A 131 10.30 -4.71 17.26
CA TRP A 131 10.08 -4.84 15.82
C TRP A 131 8.73 -4.36 15.33
N THR A 132 7.87 -4.01 16.26
CA THR A 132 6.57 -3.45 15.92
C THR A 132 6.61 -1.93 15.74
N ASN A 133 7.77 -1.33 15.95
CA ASN A 133 7.98 0.09 15.82
C ASN A 133 8.99 0.38 14.69
N LYS A 134 8.62 1.20 13.72
CA LYS A 134 9.48 1.52 12.59
C LYS A 134 10.82 2.02 13.05
N ARG A 135 10.81 2.71 14.15
CA ARG A 135 12.00 3.22 14.86
C ARG A 135 13.16 2.20 14.96
N THR A 136 12.85 1.04 15.54
CA THR A 136 13.78 -0.08 15.64
C THR A 136 14.35 -0.49 14.25
N ALA A 137 13.51 -0.53 13.21
CA ALA A 137 13.97 -0.81 11.84
C ALA A 137 14.95 0.26 11.34
N GLU A 138 14.66 1.51 11.68
CA GLU A 138 15.54 2.63 11.28
C GLU A 138 16.86 2.64 12.05
N ALA A 139 16.80 2.30 13.34
CA ALA A 139 17.98 2.12 14.21
C ALA A 139 18.93 1.00 13.76
N PHE A 140 18.33 -0.05 13.17
CA PHE A 140 19.06 -1.20 12.63
C PHE A 140 19.86 -0.83 11.39
N VAL A 141 19.25 -0.10 10.46
CA VAL A 141 20.03 0.28 9.25
C VAL A 141 21.20 1.17 9.66
N LYS A 142 21.01 2.01 10.66
CA LYS A 142 22.10 2.89 11.17
C LYS A 142 23.21 2.04 11.81
N TYR A 143 22.81 1.03 12.58
CA TYR A 143 23.73 0.04 13.17
C TYR A 143 24.50 -0.77 12.12
N ALA A 144 23.76 -1.27 11.13
CA ALA A 144 24.33 -2.00 9.99
C ALA A 144 25.40 -1.21 9.23
N GLU A 145 25.09 0.04 8.94
CA GLU A 145 26.01 0.98 8.32
C GLU A 145 27.29 1.17 9.16
N THR A 146 27.14 1.19 10.48
CA THR A 146 28.29 1.30 11.38
C THR A 146 29.19 0.07 11.28
N CYS A 147 28.60 -1.09 11.12
CA CYS A 147 29.34 -2.34 11.01
C CYS A 147 29.99 -2.43 9.63
N PHE A 148 29.23 -2.02 8.59
CA PHE A 148 29.80 -2.03 7.24
C PHE A 148 31.05 -1.17 7.19
N LYS A 149 30.92 0.07 7.62
CA LYS A 149 32.02 1.04 7.68
C LYS A 149 33.22 0.55 8.49
N ALA A 150 32.96 -0.05 9.63
CA ALA A 150 34.01 -0.56 10.50
C ALA A 150 34.65 -1.88 10.08
N PHE A 151 33.87 -2.76 9.46
CA PHE A 151 34.31 -4.15 9.20
C PHE A 151 34.29 -4.61 7.75
N GLY A 152 33.81 -3.78 6.83
CA GLY A 152 33.51 -4.23 5.46
C GLY A 152 34.67 -4.21 4.48
N ASP A 153 35.82 -3.72 4.95
CA ASP A 153 37.07 -3.84 4.23
C ASP A 153 37.56 -5.27 4.31
N ARG A 154 37.20 -5.99 5.38
CA ARG A 154 37.51 -7.42 5.54
C ARG A 154 36.32 -8.37 5.40
N VAL A 155 35.23 -8.07 6.09
CA VAL A 155 34.01 -8.86 5.98
C VAL A 155 33.33 -8.57 4.63
N LYS A 156 33.08 -9.63 3.85
CA LYS A 156 32.51 -9.55 2.50
C LYS A 156 31.36 -10.51 2.32
N HIS A 157 30.85 -11.05 3.41
CA HIS A 157 29.66 -11.89 3.37
C HIS A 157 28.85 -11.50 4.60
N TRP A 158 27.68 -10.91 4.37
CA TRP A 158 26.88 -10.33 5.43
C TRP A 158 25.45 -10.93 5.46
N ILE A 159 24.98 -11.30 6.65
CA ILE A 159 23.58 -11.60 6.91
C ILE A 159 23.01 -10.50 7.82
N THR A 160 21.84 -9.99 7.45
CA THR A 160 21.12 -9.03 8.24
C THR A 160 20.44 -9.74 9.41
N PHE A 161 19.41 -10.53 9.09
CA PHE A 161 18.56 -11.19 10.10
C PHE A 161 18.64 -12.71 10.08
N ASN A 162 18.67 -13.27 11.29
CA ASN A 162 18.56 -14.69 11.47
C ASN A 162 17.15 -14.98 11.88
N GLU A 163 16.44 -15.70 11.00
CA GLU A 163 15.20 -16.40 11.38
C GLU A 163 14.09 -15.49 11.89
N THR A 164 13.71 -14.53 11.06
CA THR A 164 12.65 -13.61 11.42
C THR A 164 11.43 -14.35 11.99
N VAL A 165 11.09 -15.49 11.36
CA VAL A 165 9.98 -16.41 11.74
C VAL A 165 9.94 -16.66 13.24
N MET A 166 11.10 -16.93 13.80
CA MET A 166 11.23 -17.24 15.20
C MET A 166 11.13 -16.02 16.11
N PHE A 167 11.95 -14.98 15.90
CA PHE A 167 11.97 -13.86 16.88
C PHE A 167 10.66 -13.03 16.86
N CYS A 168 10.01 -12.97 15.69
CA CYS A 168 8.63 -12.44 15.62
C CYS A 168 7.56 -13.44 16.09
N GLY A 169 7.61 -14.67 15.55
CA GLY A 169 6.68 -15.76 15.95
C GLY A 169 6.69 -16.14 17.43
N LEU A 170 7.88 -16.34 17.98
CA LEU A 170 8.04 -16.73 19.38
C LEU A 170 7.78 -15.59 20.36
N GLY A 171 7.95 -14.34 19.94
CA GLY A 171 7.77 -13.18 20.83
C GLY A 171 6.38 -12.54 20.86
N TYR A 172 5.56 -12.78 19.83
CA TYR A 172 4.23 -12.19 19.71
C TYR A 172 3.07 -13.24 19.62
N LEU A 173 3.33 -14.43 19.08
CA LEU A 173 2.34 -15.51 19.03
C LEU A 173 2.40 -16.49 20.20
N LYS A 174 3.57 -17.10 20.42
CA LYS A 174 3.74 -18.09 21.48
C LYS A 174 4.23 -17.50 22.79
N GLY A 175 4.74 -16.29 22.73
CA GLY A 175 5.21 -15.63 23.91
C GLY A 175 6.39 -16.27 24.59
N ALA A 176 7.07 -17.14 23.89
CA ALA A 176 8.22 -17.83 24.43
C ALA A 176 9.47 -17.00 24.42
N HIS A 177 9.57 -16.06 23.49
CA HIS A 177 10.70 -15.16 23.39
C HIS A 177 10.23 -13.76 23.76
N PRO A 178 11.13 -12.87 24.15
CA PRO A 178 10.73 -11.51 24.49
C PRO A 178 10.04 -10.80 23.33
N PRO A 179 8.95 -10.08 23.55
CA PRO A 179 8.60 -9.48 24.82
C PRO A 179 7.69 -10.35 25.62
N GLY A 180 7.36 -11.50 25.10
CA GLY A 180 6.52 -12.48 25.82
C GLY A 180 5.03 -12.31 25.55
N ILE A 181 4.70 -11.84 24.36
CA ILE A 181 3.30 -11.57 24.00
C ILE A 181 2.72 -12.84 23.40
N GLN A 182 1.47 -13.10 23.77
CA GLN A 182 0.73 -14.27 23.26
C GLN A 182 -0.40 -13.88 22.31
N ASN A 183 -0.67 -14.77 21.36
CA ASN A 183 -1.61 -14.59 20.24
C ASN A 183 -1.99 -13.17 19.74
N ASP A 184 -1.00 -12.28 19.70
CA ASP A 184 -1.13 -10.97 19.08
C ASP A 184 -0.60 -11.06 17.64
N VAL A 185 -1.42 -11.63 16.77
CA VAL A 185 -1.06 -11.85 15.36
C VAL A 185 -0.85 -10.56 14.54
N PRO A 186 -1.60 -9.47 14.81
CA PRO A 186 -1.33 -8.27 14.01
C PRO A 186 0.04 -7.65 14.33
N LYS A 187 0.46 -7.76 15.60
CA LYS A 187 1.80 -7.34 16.02
C LYS A 187 2.89 -8.21 15.37
N TYR A 188 2.58 -9.51 15.31
CA TYR A 188 3.46 -10.47 14.63
C TYR A 188 3.69 -10.09 13.19
N PHE A 189 2.62 -9.80 12.45
CA PHE A 189 2.81 -9.46 11.03
C PHE A 189 3.42 -8.07 10.85
N GLN A 190 3.20 -7.19 11.82
CA GLN A 190 3.87 -5.88 11.87
C GLN A 190 5.36 -6.08 12.01
N ALA A 191 5.75 -6.77 13.06
CA ALA A 191 7.15 -7.16 13.28
C ALA A 191 7.82 -7.68 12.01
N THR A 192 7.20 -8.66 11.37
CA THR A 192 7.81 -9.20 10.18
C THR A 192 8.00 -8.13 9.11
N HIS A 193 7.01 -7.22 8.99
CA HIS A 193 7.05 -6.17 7.94
C HIS A 193 8.16 -5.15 8.16
N TYR A 194 8.28 -4.60 9.36
CA TYR A 194 9.35 -3.63 9.64
C TYR A 194 10.77 -4.26 9.51
N VAL A 195 10.87 -5.57 9.84
CA VAL A 195 12.08 -6.33 9.63
C VAL A 195 12.36 -6.42 8.13
N PHE A 196 11.36 -6.82 7.32
CA PHE A 196 11.60 -6.92 5.87
C PHE A 196 11.96 -5.52 5.30
N TYR A 197 11.38 -4.49 5.91
CA TYR A 197 11.77 -3.11 5.58
C TYR A 197 13.24 -2.81 5.95
N ALA A 198 13.57 -2.95 7.22
CA ALA A 198 14.95 -2.74 7.70
C ALA A 198 15.96 -3.49 6.83
N HIS A 199 15.62 -4.71 6.42
CA HIS A 199 16.49 -5.53 5.53
C HIS A 199 16.74 -4.86 4.17
N ALA A 200 15.67 -4.68 3.40
CA ALA A 200 15.75 -4.11 2.04
C ALA A 200 16.41 -2.75 2.04
N LYS A 201 16.09 -1.94 3.05
CA LYS A 201 16.77 -0.67 3.23
C LYS A 201 18.25 -0.82 3.58
N THR A 202 18.57 -1.71 4.50
CA THR A 202 19.99 -2.02 4.81
C THR A 202 20.77 -2.51 3.57
N VAL A 203 20.11 -3.29 2.73
CA VAL A 203 20.74 -3.80 1.51
C VAL A 203 21.11 -2.65 0.55
N ALA A 204 20.17 -1.71 0.40
CA ALA A 204 20.36 -0.47 -0.36
C ALA A 204 21.55 0.28 0.16
N VAL A 205 21.58 0.50 1.47
CA VAL A 205 22.72 1.18 2.11
C VAL A 205 24.03 0.47 1.77
N TYR A 206 24.05 -0.87 1.88
CA TYR A 206 25.26 -1.67 1.61
C TYR A 206 25.78 -1.48 0.21
N LYS A 207 24.93 -1.69 -0.79
CA LYS A 207 25.33 -1.47 -2.18
C LYS A 207 25.90 -0.08 -2.48
N GLN A 208 25.35 0.92 -1.78
CA GLN A 208 25.82 2.33 -1.88
C GLN A 208 27.20 2.51 -1.30
N LEU A 209 27.58 1.68 -0.34
CA LEU A 209 28.92 1.75 0.30
C LEU A 209 30.11 1.23 -0.57
N LYS A 210 29.77 0.47 -1.62
CA LYS A 210 30.74 -0.05 -2.63
C LYS A 210 31.85 -0.91 -2.00
N GLN A 211 31.44 -1.77 -1.07
CA GLN A 211 32.38 -2.68 -0.42
C GLN A 211 32.57 -3.97 -1.20
N TYR A 212 31.64 -4.28 -2.09
CA TYR A 212 31.72 -5.46 -2.96
C TYR A 212 31.83 -6.81 -2.26
N GLY A 213 31.18 -6.96 -1.12
CA GLY A 213 30.90 -8.29 -0.58
C GLY A 213 29.53 -8.75 -1.05
N GLU A 214 28.89 -9.60 -0.27
CA GLU A 214 27.55 -10.08 -0.60
C GLU A 214 26.69 -9.95 0.65
N ILE A 215 25.38 -9.79 0.44
CA ILE A 215 24.44 -9.55 1.51
C ILE A 215 23.14 -10.25 1.17
N GLY A 216 22.47 -10.69 2.22
CA GLY A 216 21.26 -11.51 2.13
C GLY A 216 20.66 -11.68 3.50
N ILE A 217 19.47 -12.25 3.55
CA ILE A 217 18.80 -12.57 4.82
C ILE A 217 18.84 -14.11 5.00
N THR A 218 18.70 -14.56 6.24
CA THR A 218 18.67 -15.98 6.53
C THR A 218 17.36 -16.28 7.19
N HIS A 219 16.53 -17.09 6.51
CA HIS A 219 15.24 -17.57 7.06
C HIS A 219 15.26 -19.02 7.48
N VAL A 220 14.43 -19.33 8.45
CA VAL A 220 13.93 -20.67 8.57
C VAL A 220 13.41 -21.11 7.17
N PHE A 221 13.77 -22.32 6.78
CA PHE A 221 13.21 -22.97 5.64
C PHE A 221 12.52 -24.22 6.16
N LEU A 222 11.20 -24.15 6.24
CA LEU A 222 10.34 -25.16 6.80
C LEU A 222 9.37 -25.66 5.68
N PRO A 223 9.90 -26.38 4.66
CA PRO A 223 9.04 -26.86 3.54
C PRO A 223 7.93 -27.74 4.09
N ALA A 224 6.71 -27.58 3.59
CA ALA A 224 5.53 -28.23 4.19
C ALA A 224 4.82 -29.20 3.23
N TYR A 225 4.37 -30.32 3.78
CA TYR A 225 3.85 -31.44 2.95
C TYR A 225 2.51 -31.97 3.44
N SER A 226 1.64 -32.32 2.49
CA SER A 226 0.39 -32.95 2.83
C SER A 226 0.63 -34.32 3.42
N VAL A 227 0.07 -34.55 4.60
CA VAL A 227 0.12 -35.85 5.27
C VAL A 227 -0.31 -37.03 4.37
N ASP A 228 -1.08 -36.75 3.32
CA ASP A 228 -1.41 -37.75 2.27
C ASP A 228 -1.90 -37.08 0.93
N ASP A 229 -2.71 -37.79 0.17
CA ASP A 229 -3.24 -37.37 -1.11
C ASP A 229 -4.58 -36.67 -1.01
N GLN A 230 -5.10 -36.52 0.19
CA GLN A 230 -6.40 -35.89 0.34
C GLN A 230 -6.36 -34.42 -0.01
N LYS A 231 -7.39 -33.95 -0.71
CA LYS A 231 -7.40 -32.55 -1.20
C LYS A 231 -7.39 -31.53 -0.07
N GLU A 232 -8.27 -31.74 0.89
CA GLU A 232 -8.33 -30.88 2.11
C GLU A 232 -6.97 -30.78 2.89
N ASN A 233 -6.16 -31.84 2.81
CA ASN A 233 -4.84 -31.87 3.43
C ASN A 233 -3.77 -31.16 2.59
N ILE A 234 -3.83 -31.36 1.27
CA ILE A 234 -3.01 -30.62 0.29
C ILE A 234 -3.27 -29.09 0.32
N GLN A 235 -4.52 -28.75 0.59
CA GLN A 235 -4.93 -27.37 0.79
C GLN A 235 -4.25 -26.76 2.02
N ALA A 236 -4.26 -27.53 3.10
CA ALA A 236 -3.56 -27.19 4.35
C ALA A 236 -2.06 -26.95 4.17
N ALA A 237 -1.44 -27.76 3.32
CA ALA A 237 -0.03 -27.67 2.98
C ALA A 237 0.30 -26.40 2.21
N ASN A 238 -0.51 -26.13 1.19
CA ASN A 238 -0.37 -24.87 0.39
C ASN A 238 -0.49 -23.65 1.29
N HIS A 239 -1.50 -23.67 2.13
CA HIS A 239 -1.69 -22.68 3.17
C HIS A 239 -0.45 -22.53 4.04
N ALA A 240 0.08 -23.67 4.49
CA ALA A 240 1.26 -23.74 5.34
C ALA A 240 2.43 -23.07 4.66
N ASN A 241 2.64 -23.48 3.43
CA ASN A 241 3.71 -22.94 2.60
C ASN A 241 3.56 -21.45 2.28
N GLU A 242 2.33 -21.00 2.04
CA GLU A 242 2.06 -19.59 1.82
C GLU A 242 2.54 -18.74 3.04
N TYR A 243 2.10 -19.13 4.22
CA TYR A 243 2.38 -18.39 5.44
C TYR A 243 3.80 -18.54 5.94
N GLU A 244 4.35 -19.75 5.78
CA GLU A 244 5.65 -20.10 6.39
C GLU A 244 6.83 -20.01 5.42
N THR A 245 6.59 -20.14 4.13
CA THR A 245 7.63 -19.80 3.13
C THR A 245 7.32 -18.43 2.44
N TYR A 246 6.28 -18.40 1.64
CA TYR A 246 6.05 -17.28 0.71
C TYR A 246 5.98 -15.88 1.37
N TRP A 247 5.35 -15.77 2.53
CA TRP A 247 5.34 -14.54 3.30
C TRP A 247 6.74 -14.03 3.64
N TYR A 248 7.66 -14.96 3.90
CA TYR A 248 9.03 -14.63 4.30
C TYR A 248 9.98 -14.45 3.12
N TYR A 249 9.84 -15.33 2.14
CA TYR A 249 10.75 -15.40 1.01
C TYR A 249 10.34 -14.50 -0.15
N ASP A 250 9.04 -14.24 -0.31
CA ASP A 250 8.57 -13.38 -1.42
C ASP A 250 8.99 -11.91 -1.29
N PRO A 251 8.78 -11.30 -0.11
CA PRO A 251 9.13 -9.89 0.01
C PRO A 251 10.61 -9.60 -0.28
N ILE A 252 11.51 -10.50 0.14
CA ILE A 252 12.95 -10.30 -0.04
C ILE A 252 13.43 -10.66 -1.45
N LEU A 253 12.91 -11.75 -2.03
CA LEU A 253 13.38 -12.23 -3.33
C LEU A 253 12.59 -11.66 -4.49
N LYS A 254 11.27 -11.69 -4.36
CA LYS A 254 10.35 -11.15 -5.38
C LYS A 254 10.06 -9.63 -5.25
N GLY A 255 10.08 -9.09 -4.03
CA GLY A 255 9.81 -7.66 -3.81
C GLY A 255 8.34 -7.33 -3.55
N GLU A 256 7.43 -8.24 -3.91
CA GLU A 256 6.01 -8.17 -3.53
C GLU A 256 5.72 -9.19 -2.42
N TYR A 257 4.83 -8.82 -1.47
CA TYR A 257 4.22 -9.79 -0.55
C TYR A 257 3.23 -10.68 -1.30
N PRO A 258 2.95 -11.90 -0.78
CA PRO A 258 2.17 -12.86 -1.55
C PRO A 258 0.69 -12.58 -1.40
N SER A 259 -0.02 -12.47 -2.53
CA SER A 259 -1.41 -11.98 -2.48
C SER A 259 -2.40 -12.85 -1.70
N TYR A 260 -2.27 -14.18 -1.78
CA TYR A 260 -3.07 -15.12 -0.94
C TYR A 260 -3.15 -14.64 0.50
N VAL A 261 -1.98 -14.47 1.12
CA VAL A 261 -1.93 -14.13 2.57
C VAL A 261 -2.28 -12.65 2.83
N VAL A 262 -1.89 -11.76 1.92
CA VAL A 262 -2.27 -10.33 1.99
C VAL A 262 -3.82 -10.20 2.01
N GLN A 263 -4.47 -10.88 1.06
CA GLN A 263 -5.94 -10.96 1.00
C GLN A 263 -6.54 -11.38 2.34
N GLN A 264 -6.00 -12.45 2.90
CA GLN A 264 -6.45 -12.97 4.16
C GLN A 264 -6.20 -12.06 5.36
N LEU A 265 -5.09 -11.34 5.42
CA LEU A 265 -4.87 -10.36 6.52
C LEU A 265 -5.82 -9.17 6.45
N LYS A 266 -6.21 -8.80 5.23
CA LYS A 266 -7.14 -7.70 5.04
C LYS A 266 -8.52 -8.14 5.50
N GLU A 267 -8.93 -9.29 4.99
CA GLU A 267 -10.20 -9.93 5.34
C GLU A 267 -10.36 -10.31 6.82
N LYS A 268 -9.28 -10.27 7.61
CA LYS A 268 -9.31 -10.58 9.06
C LYS A 268 -9.05 -9.35 9.95
N GLY A 269 -8.72 -8.20 9.36
CA GLY A 269 -8.23 -7.06 10.14
C GLY A 269 -6.89 -7.35 10.81
N TRP A 270 -5.91 -7.77 10.00
CA TRP A 270 -4.54 -8.16 10.46
C TRP A 270 -3.41 -7.53 9.63
N THR A 271 -3.75 -6.68 8.68
CA THR A 271 -2.77 -6.05 7.83
C THR A 271 -1.91 -5.10 8.61
N PRO A 272 -0.61 -5.16 8.42
CA PRO A 272 0.30 -4.30 9.17
C PRO A 272 0.21 -2.87 8.75
N ASN A 273 0.62 -1.94 9.59
CA ASN A 273 0.61 -0.53 9.21
C ASN A 273 1.71 -0.25 8.20
N TRP A 274 1.47 -0.53 6.93
CA TRP A 274 2.47 -0.35 5.95
C TRP A 274 2.17 0.77 5.00
N THR A 275 3.22 1.37 4.53
CA THR A 275 3.14 2.55 3.67
C THR A 275 3.81 2.28 2.33
N VAL A 276 3.47 3.12 1.37
CA VAL A 276 3.92 2.95 -0.02
C VAL A 276 5.44 3.09 -0.20
N GLU A 277 6.00 4.10 0.49
CA GLU A 277 7.43 4.34 0.61
C GLU A 277 8.19 3.06 1.04
N GLU A 278 7.70 2.44 2.13
CA GLU A 278 8.26 1.18 2.64
C GLU A 278 8.14 0.07 1.62
N LEU A 279 6.92 -0.22 1.19
CA LEU A 279 6.71 -1.28 0.22
C LEU A 279 7.53 -1.08 -1.04
N GLU A 280 7.82 0.18 -1.40
CA GLU A 280 8.65 0.49 -2.60
C GLU A 280 10.15 0.18 -2.40
N ILE A 281 10.69 0.61 -1.27
CA ILE A 281 12.04 0.26 -0.87
C ILE A 281 12.27 -1.29 -0.95
N ILE A 282 11.39 -2.03 -0.31
CA ILE A 282 11.32 -3.49 -0.41
C ILE A 282 11.24 -3.95 -1.86
N LYS A 283 10.39 -3.33 -2.66
CA LYS A 283 10.27 -3.70 -4.07
C LYS A 283 11.57 -3.49 -4.80
N GLN A 284 12.20 -2.36 -4.52
CA GLN A 284 13.28 -1.86 -5.36
C GLN A 284 14.57 -2.60 -5.07
N ASN A 285 14.70 -3.12 -3.85
CA ASN A 285 15.93 -3.83 -3.37
C ASN A 285 15.87 -5.34 -3.32
N ALA A 286 14.71 -5.92 -3.67
CA ALA A 286 14.62 -7.39 -3.80
C ALA A 286 15.66 -7.98 -4.73
N GLU A 287 15.90 -7.31 -5.87
CA GLU A 287 16.92 -7.72 -6.89
C GLU A 287 18.39 -7.44 -6.46
N GLU A 288 18.55 -6.90 -5.27
CA GLU A 288 19.82 -6.48 -4.74
C GLU A 288 20.45 -7.54 -3.77
N ASN A 289 19.60 -8.38 -3.17
CA ASN A 289 20.04 -9.59 -2.47
C ASN A 289 20.95 -10.47 -3.32
N ASP A 290 22.09 -10.85 -2.75
CA ASP A 290 23.04 -11.70 -3.43
C ASP A 290 22.78 -13.19 -3.23
N PHE A 291 22.12 -13.53 -2.13
CA PHE A 291 21.83 -14.92 -1.78
C PHE A 291 20.64 -14.92 -0.83
N ILE A 292 20.18 -16.14 -0.52
CA ILE A 292 19.27 -16.38 0.58
C ILE A 292 19.95 -17.40 1.49
N GLY A 293 19.85 -17.17 2.78
CA GLY A 293 20.26 -18.13 3.76
C GLY A 293 19.08 -19.00 4.16
N LEU A 294 19.34 -20.29 4.28
CA LEU A 294 18.37 -21.22 4.78
C LEU A 294 18.83 -21.82 6.10
N ASN A 295 17.96 -21.79 7.10
CA ASN A 295 18.11 -22.56 8.33
C ASN A 295 17.10 -23.66 8.27
N TYR A 296 17.55 -24.81 7.79
CA TYR A 296 16.73 -25.99 7.59
C TYR A 296 17.00 -26.97 8.71
N TYR A 297 15.95 -27.46 9.34
CA TYR A 297 16.08 -28.61 10.26
C TYR A 297 15.21 -29.79 9.83
N GLN A 298 13.93 -29.53 9.61
CA GLN A 298 12.96 -30.57 9.25
C GLN A 298 11.88 -30.04 8.32
N PRO A 299 11.22 -30.93 7.58
CA PRO A 299 9.99 -30.52 6.95
C PRO A 299 8.88 -30.54 7.97
N ILE A 300 7.66 -30.22 7.55
CA ILE A 300 6.48 -30.48 8.38
C ILE A 300 5.46 -31.20 7.51
N ARG A 301 4.87 -32.25 8.07
CA ARG A 301 3.78 -32.99 7.46
C ARG A 301 2.47 -32.45 8.11
N VAL A 302 1.46 -32.13 7.31
CA VAL A 302 0.30 -31.41 7.84
C VAL A 302 -1.03 -32.02 7.44
N GLU A 303 -2.02 -31.89 8.33
CA GLU A 303 -3.40 -32.15 7.97
C GLU A 303 -4.24 -30.98 8.43
N ARG A 304 -5.43 -30.91 7.86
CA ARG A 304 -6.34 -29.79 8.08
C ARG A 304 -7.05 -29.91 9.43
N TYR A 305 -7.55 -28.77 9.92
CA TYR A 305 -8.19 -28.62 11.26
C TYR A 305 -9.19 -29.71 11.64
N ASP A 306 -10.05 -30.11 10.71
CA ASP A 306 -11.03 -31.19 10.98
C ASP A 306 -10.41 -32.59 10.99
N MET A 307 -9.73 -32.90 9.88
CA MET A 307 -8.97 -34.16 9.71
C MET A 307 -8.16 -34.59 10.93
N ASN A 325 -0.26 -30.81 16.59
CA ASN A 325 0.18 -29.48 17.03
C ASN A 325 -0.31 -28.33 16.10
N PRO A 326 -1.27 -27.51 16.58
CA PRO A 326 -1.95 -26.57 15.69
C PRO A 326 -1.10 -25.43 15.18
N SER A 327 -1.54 -24.83 14.07
CA SER A 327 -0.94 -23.64 13.55
C SER A 327 -1.68 -22.44 14.12
N PHE A 328 -0.99 -21.30 14.27
CA PHE A 328 -1.51 -20.12 15.02
C PHE A 328 -2.89 -19.57 14.57
N ASP A 329 -3.35 -19.96 13.38
CA ASP A 329 -4.65 -19.60 12.85
C ASP A 329 -5.62 -20.79 12.81
N GLY A 330 -5.49 -21.71 13.75
CA GLY A 330 -6.11 -23.03 13.60
C GLY A 330 -5.77 -23.59 12.23
N PHE A 331 -6.79 -23.87 11.43
CA PHE A 331 -6.67 -24.33 10.03
C PHE A 331 -5.91 -25.62 9.72
N TYR A 332 -4.64 -25.71 10.11
CA TYR A 332 -3.91 -26.98 10.02
C TYR A 332 -3.27 -27.35 11.33
N ARG A 333 -2.89 -28.62 11.42
CA ARG A 333 -1.94 -29.02 12.43
C ARG A 333 -0.83 -29.85 11.79
N THR A 334 0.31 -29.85 12.49
CA THR A 334 1.43 -30.77 12.24
C THR A 334 1.17 -32.12 12.90
N VAL A 335 1.64 -33.17 12.26
CA VAL A 335 1.51 -34.52 12.81
C VAL A 335 2.78 -35.35 12.65
N LYS A 336 3.11 -36.04 13.73
CA LYS A 336 4.22 -36.96 13.73
C LYS A 336 3.64 -38.28 13.28
N MET A 337 4.41 -38.97 12.48
CA MET A 337 4.08 -40.23 11.85
C MET A 337 5.27 -40.75 11.09
N ASP A 338 5.01 -41.76 10.28
CA ASP A 338 6.01 -42.20 9.32
C ASP A 338 5.43 -42.71 8.05
N ASP A 339 5.50 -41.81 7.06
CA ASP A 339 5.09 -41.93 5.68
C ASP A 339 4.68 -43.30 5.23
N TRP A 347 12.57 -32.31 15.14
CA TRP A 347 12.59 -33.77 15.33
C TRP A 347 12.64 -34.65 14.08
N GLU A 348 11.85 -34.32 13.05
CA GLU A 348 11.82 -35.14 11.82
C GLU A 348 13.18 -35.08 11.10
N ILE A 349 13.53 -36.16 10.39
CA ILE A 349 14.79 -36.24 9.61
C ILE A 349 14.61 -35.75 8.15
N SER A 350 14.23 -36.68 7.26
CA SER A 350 13.85 -36.42 5.86
C SER A 350 14.82 -35.60 5.00
N PRO A 351 15.88 -36.26 4.52
CA PRO A 351 16.67 -35.81 3.38
C PRO A 351 15.85 -35.62 2.07
N GLU A 352 14.91 -36.54 1.85
CA GLU A 352 13.93 -36.42 0.78
C GLU A 352 13.09 -35.11 0.88
N GLY A 353 12.66 -34.80 2.10
CA GLY A 353 11.93 -33.57 2.39
C GLY A 353 12.70 -32.32 2.06
N PHE A 354 13.96 -32.29 2.46
CA PHE A 354 14.85 -31.17 2.19
C PHE A 354 15.10 -30.93 0.72
N LEU A 355 15.21 -31.99 -0.06
CA LEU A 355 15.59 -31.88 -1.47
C LEU A 355 14.43 -31.35 -2.34
N GLU A 356 13.26 -31.95 -2.12
CA GLU A 356 12.05 -31.50 -2.81
C GLU A 356 11.78 -30.06 -2.41
N GLY A 357 12.03 -29.74 -1.14
CA GLY A 357 11.99 -28.35 -0.66
C GLY A 357 12.83 -27.39 -1.47
N LEU A 358 14.08 -27.75 -1.69
CA LEU A 358 15.01 -26.97 -2.50
C LEU A 358 14.50 -26.68 -3.92
N HIS A 359 13.92 -27.68 -4.58
CA HIS A 359 13.34 -27.52 -5.95
C HIS A 359 12.12 -26.58 -5.98
N MET A 360 11.29 -26.75 -4.96
CA MET A 360 10.18 -25.85 -4.60
C MET A 360 10.67 -24.39 -4.52
N LEU A 361 11.85 -24.15 -3.96
CA LEU A 361 12.43 -22.81 -3.93
C LEU A 361 13.03 -22.35 -5.27
N LYS A 362 13.44 -23.28 -6.13
CA LYS A 362 14.06 -22.86 -7.40
C LYS A 362 13.02 -22.51 -8.43
N ALA A 363 11.91 -23.27 -8.45
CA ALA A 363 10.75 -22.96 -9.28
C ALA A 363 10.22 -21.53 -9.08
N ARG A 364 10.16 -21.11 -7.83
CA ARG A 364 9.64 -19.81 -7.48
C ARG A 364 10.58 -18.66 -7.53
N TYR A 365 11.78 -18.86 -7.08
CA TYR A 365 12.71 -17.75 -6.95
C TYR A 365 13.80 -17.72 -8.02
N GLY A 366 13.87 -18.80 -8.81
CA GLY A 366 14.87 -18.93 -9.89
C GLY A 366 16.18 -19.54 -9.38
N ASP A 367 17.26 -19.26 -10.09
CA ASP A 367 18.54 -19.88 -9.79
C ASP A 367 19.21 -19.13 -8.62
N ILE A 368 18.44 -18.82 -7.60
CA ILE A 368 18.95 -17.97 -6.54
C ILE A 368 20.07 -18.72 -5.84
N LYS A 369 21.06 -17.97 -5.35
CA LYS A 369 22.22 -18.55 -4.70
C LYS A 369 21.87 -18.84 -3.25
N MET A 370 22.11 -20.08 -2.81
CA MET A 370 21.69 -20.56 -1.45
C MET A 370 22.85 -20.95 -0.53
N TYR A 371 22.76 -20.50 0.72
CA TYR A 371 23.64 -20.96 1.78
C TYR A 371 22.79 -21.65 2.80
N VAL A 372 23.07 -22.91 3.07
CA VAL A 372 22.40 -23.61 4.16
C VAL A 372 23.11 -23.17 5.42
N THR A 373 22.61 -22.07 5.99
CA THR A 373 23.32 -21.31 7.04
C THR A 373 23.15 -21.91 8.45
N GLU A 374 22.29 -22.91 8.56
CA GLU A 374 22.16 -23.74 9.75
C GLU A 374 21.67 -25.13 9.33
N ASN A 375 22.18 -26.13 10.02
CA ASN A 375 21.77 -27.50 9.90
C ASN A 375 22.65 -28.26 10.84
N GLY A 376 22.02 -29.08 11.67
CA GLY A 376 22.77 -29.91 12.60
C GLY A 376 21.81 -30.60 13.52
N LEU A 377 22.33 -31.17 14.59
CA LEU A 377 21.51 -31.96 15.52
C LEU A 377 21.79 -31.60 16.96
N GLY A 378 20.73 -31.27 17.68
CA GLY A 378 20.80 -31.10 19.12
C GLY A 378 20.68 -32.47 19.74
N ASP A 379 21.47 -32.75 20.76
CA ASP A 379 21.49 -34.09 21.36
C ASP A 379 22.07 -34.03 22.73
N GLU A 380 21.74 -35.03 23.55
CA GLU A 380 22.51 -35.39 24.72
C GLU A 380 23.64 -36.29 24.18
N ASP A 381 24.75 -35.67 23.78
CA ASP A 381 25.85 -36.42 23.20
C ASP A 381 26.27 -37.58 24.11
N PRO A 382 26.37 -38.81 23.54
CA PRO A 382 27.01 -39.95 24.22
C PRO A 382 28.47 -39.66 24.55
N ILE A 383 28.86 -39.97 25.78
CA ILE A 383 30.23 -39.84 26.25
C ILE A 383 30.77 -41.22 26.68
N ILE A 384 31.99 -41.52 26.26
CA ILE A 384 32.69 -42.75 26.64
C ILE A 384 34.13 -42.41 26.97
N ASP A 385 34.53 -42.67 28.22
CA ASP A 385 35.89 -42.38 28.75
C ASP A 385 36.29 -40.91 28.56
N GLY A 386 35.32 -40.02 28.71
CA GLY A 386 35.56 -38.59 28.53
C GLY A 386 35.58 -38.08 27.10
N GLU A 387 35.54 -38.99 26.13
CA GLU A 387 35.41 -38.65 24.71
C GLU A 387 33.95 -38.48 24.37
N ILE A 388 33.65 -37.55 23.47
CA ILE A 388 32.31 -37.32 22.97
C ILE A 388 32.23 -38.03 21.62
N VAL A 389 31.40 -39.06 21.54
CA VAL A 389 31.25 -39.86 20.29
C VAL A 389 29.85 -39.58 19.72
N ASP A 390 29.73 -38.36 19.23
CA ASP A 390 28.47 -37.82 18.70
C ASP A 390 28.21 -38.30 17.27
N VAL A 391 27.98 -39.61 17.12
CA VAL A 391 27.77 -40.16 15.78
C VAL A 391 26.38 -39.83 15.20
N PRO A 392 25.35 -39.55 16.07
CA PRO A 392 24.04 -39.06 15.55
C PRO A 392 24.18 -37.78 14.70
N ARG A 393 24.91 -36.82 15.25
CA ARG A 393 25.26 -35.56 14.59
C ARG A 393 26.01 -35.76 13.30
N ILE A 394 27.03 -36.60 13.31
CA ILE A 394 27.76 -36.97 12.08
C ILE A 394 26.77 -37.54 11.05
N LYS A 395 25.89 -38.43 11.51
CA LYS A 395 24.97 -39.09 10.60
C LYS A 395 23.92 -38.11 10.07
N PHE A 396 23.57 -37.15 10.90
CA PHE A 396 22.62 -36.11 10.54
C PHE A 396 23.21 -35.23 9.42
N ILE A 397 24.39 -34.67 9.69
CA ILE A 397 25.15 -33.85 8.76
C ILE A 397 25.45 -34.62 7.47
N GLU A 398 25.97 -35.84 7.56
CA GLU A 398 26.27 -36.66 6.37
C GLU A 398 25.06 -36.81 5.43
N ALA A 399 23.87 -36.95 6.00
CA ALA A 399 22.66 -37.21 5.25
C ALA A 399 22.24 -35.99 4.46
N HIS A 400 22.47 -34.82 5.04
CA HIS A 400 22.05 -33.55 4.45
C HIS A 400 23.10 -33.09 3.45
N LEU A 401 24.35 -33.22 3.84
CA LEU A 401 25.46 -33.02 2.92
C LEU A 401 25.31 -33.88 1.64
N LYS A 402 24.97 -35.16 1.81
CA LYS A 402 24.69 -36.07 0.69
C LYS A 402 23.63 -35.52 -0.26
N VAL A 403 22.45 -35.18 0.23
CA VAL A 403 21.42 -34.63 -0.66
C VAL A 403 21.73 -33.23 -1.24
N MET A 404 22.47 -32.39 -0.51
CA MET A 404 23.02 -31.17 -1.12
C MET A 404 23.89 -31.46 -2.33
N LYS A 405 24.62 -32.56 -2.28
CA LYS A 405 25.42 -33.02 -3.40
C LYS A 405 24.50 -33.35 -4.58
N ARG A 406 23.40 -34.07 -4.31
CA ARG A 406 22.40 -34.37 -5.32
C ARG A 406 21.79 -33.07 -5.87
N ALA A 407 21.37 -32.20 -4.96
CA ALA A 407 20.77 -30.90 -5.27
C ALA A 407 21.63 -30.09 -6.23
N ILE A 408 22.94 -30.05 -5.98
CA ILE A 408 23.87 -29.38 -6.86
C ILE A 408 23.91 -30.05 -8.22
N GLU A 409 23.96 -31.37 -8.25
CA GLU A 409 23.87 -32.06 -9.56
C GLU A 409 22.55 -31.82 -10.28
N GLU A 410 21.47 -31.71 -9.51
CA GLU A 410 20.17 -31.42 -10.05
C GLU A 410 19.95 -29.92 -10.37
N GLY A 411 21.02 -29.13 -10.33
CA GLY A 411 20.95 -27.72 -10.71
C GLY A 411 20.80 -26.68 -9.61
N ILE A 412 20.50 -27.08 -8.37
CA ILE A 412 20.34 -26.07 -7.32
C ILE A 412 21.69 -25.37 -7.05
N ASN A 413 21.61 -24.07 -6.78
CA ASN A 413 22.77 -23.20 -6.63
C ASN A 413 23.12 -23.00 -5.15
N LEU A 414 23.68 -24.07 -4.58
CA LEU A 414 24.10 -24.09 -3.18
C LEU A 414 25.57 -23.78 -3.13
N LYS A 415 25.93 -22.77 -2.34
CA LYS A 415 27.32 -22.37 -2.24
C LYS A 415 27.84 -22.30 -0.83
N GLY A 416 27.19 -22.99 0.10
CA GLY A 416 27.79 -23.15 1.39
C GLY A 416 26.97 -23.93 2.35
N TYR A 417 27.65 -24.47 3.36
CA TYR A 417 27.05 -25.31 4.41
C TYR A 417 27.61 -24.92 5.77
N TYR A 418 26.69 -24.56 6.67
CA TYR A 418 27.06 -24.12 8.00
C TYR A 418 26.37 -24.97 9.01
N ALA A 419 27.12 -25.91 9.58
CA ALA A 419 26.58 -26.81 10.58
C ALA A 419 26.23 -26.01 11.83
N TRP A 420 25.03 -26.24 12.36
CA TRP A 420 24.60 -25.38 13.42
C TRP A 420 25.35 -25.95 14.58
N SER A 421 26.37 -25.14 14.88
CA SER A 421 27.03 -24.94 16.14
C SER A 421 28.44 -25.44 15.91
N VAL A 422 29.35 -24.49 15.87
CA VAL A 422 30.75 -24.77 15.83
C VAL A 422 31.21 -25.35 17.19
N ILE A 423 30.61 -24.85 18.26
CA ILE A 423 31.01 -25.06 19.65
C ILE A 423 29.68 -25.19 20.45
N ASP A 424 29.61 -26.11 21.40
CA ASP A 424 28.49 -26.14 22.34
C ASP A 424 28.24 -24.75 22.89
N LEU A 425 26.95 -24.47 23.07
CA LEU A 425 26.46 -23.14 23.47
C LEU A 425 25.15 -23.19 24.26
N LEU A 426 24.82 -22.04 24.85
CA LEU A 426 23.63 -21.83 25.66
C LEU A 426 22.43 -21.80 24.74
N SER A 427 21.55 -22.78 24.87
CA SER A 427 20.22 -22.66 24.23
C SER A 427 19.45 -21.57 24.98
N TRP A 428 18.57 -20.91 24.23
CA TRP A 428 17.82 -19.73 24.68
C TRP A 428 16.90 -20.06 25.85
N LEU A 429 16.30 -21.23 25.67
CA LEU A 429 15.21 -21.82 26.42
C LEU A 429 15.74 -22.96 27.30
N ASN A 430 16.46 -23.88 26.66
CA ASN A 430 16.83 -25.17 27.26
C ASN A 430 18.19 -25.17 27.99
N GLY A 431 18.68 -23.98 28.39
CA GLY A 431 20.03 -23.87 28.96
C GLY A 431 21.11 -24.73 28.30
N TYR A 432 21.89 -25.40 29.14
CA TYR A 432 22.84 -26.40 28.69
C TYR A 432 22.16 -27.74 28.94
N LYS A 433 22.06 -28.56 27.90
CA LYS A 433 21.29 -29.81 27.98
C LYS A 433 21.33 -30.54 26.66
N LYS A 434 20.89 -29.85 25.61
CA LYS A 434 20.95 -30.38 24.26
C LYS A 434 22.11 -29.69 23.54
N GLN A 435 23.26 -30.38 23.61
CA GLN A 435 24.47 -29.97 22.94
C GLN A 435 24.17 -29.77 21.45
N TYR A 436 24.90 -28.82 20.90
CA TYR A 436 24.88 -28.54 19.50
C TYR A 436 26.36 -28.37 19.16
N GLY A 437 26.77 -28.79 18.00
CA GLY A 437 28.16 -28.49 17.63
C GLY A 437 29.27 -29.51 17.82
N PHE A 438 30.44 -29.07 17.37
CA PHE A 438 31.63 -29.87 17.15
C PHE A 438 32.61 -29.83 18.30
N ILE A 439 32.81 -28.66 18.88
CA ILE A 439 33.65 -28.49 20.04
C ILE A 439 32.73 -28.66 21.24
N PHE A 440 33.05 -29.63 22.08
CA PHE A 440 32.43 -29.78 23.39
C PHE A 440 32.98 -28.74 24.38
N VAL A 441 32.10 -28.20 25.24
CA VAL A 441 32.49 -27.31 26.34
C VAL A 441 32.22 -27.99 27.69
N ASP A 442 33.24 -28.08 28.53
CA ASP A 442 33.11 -28.84 29.80
C ASP A 442 32.72 -27.91 30.94
N HIS A 443 31.44 -28.00 31.34
CA HIS A 443 30.89 -27.20 32.44
C HIS A 443 31.44 -27.57 33.83
N ASN A 444 31.94 -28.79 33.97
CA ASN A 444 32.59 -29.25 35.19
C ASN A 444 34.08 -28.94 35.31
N ASP A 445 34.70 -28.38 34.26
CA ASP A 445 36.13 -28.08 34.29
C ASP A 445 36.47 -26.67 33.72
N ASN A 446 35.84 -25.64 34.27
CA ASN A 446 36.09 -24.25 33.88
C ASN A 446 35.88 -24.03 32.36
N LEU A 447 34.82 -24.65 31.81
CA LEU A 447 34.41 -24.42 30.41
C LEU A 447 35.54 -24.72 29.41
N LYS A 448 36.28 -25.79 29.71
CA LYS A 448 37.42 -26.18 28.91
C LYS A 448 36.89 -26.82 27.61
N ARG A 449 37.54 -26.54 26.49
CA ARG A 449 37.06 -27.09 25.18
C ARG A 449 37.72 -28.41 24.86
N LYS A 450 37.03 -29.23 24.09
CA LYS A 450 37.57 -30.51 23.64
C LYS A 450 36.99 -30.89 22.31
N LYS A 451 37.82 -31.39 21.41
CA LYS A 451 37.33 -31.87 20.11
C LYS A 451 36.39 -33.04 20.32
N LYS A 452 35.23 -33.02 19.68
CA LYS A 452 34.32 -34.18 19.65
C LYS A 452 34.60 -35.04 18.44
N LEU A 453 34.01 -36.22 18.40
CA LEU A 453 34.11 -37.05 17.21
C LEU A 453 33.70 -36.34 15.91
N SER A 454 32.67 -35.49 15.97
CA SER A 454 32.19 -34.77 14.76
C SER A 454 33.24 -33.79 14.21
N PHE A 455 33.96 -33.14 15.12
CA PHE A 455 35.09 -32.29 14.79
C PHE A 455 36.06 -33.03 13.86
N HIS A 456 36.63 -34.16 14.31
CA HIS A 456 37.57 -34.95 13.46
C HIS A 456 36.93 -35.42 12.17
N TRP A 457 35.66 -35.83 12.22
CA TRP A 457 35.00 -36.28 10.99
C TRP A 457 34.83 -35.15 9.97
N TYR A 458 34.34 -34.01 10.44
CA TYR A 458 34.04 -32.88 9.55
C TYR A 458 35.31 -32.32 8.90
N LYS A 459 36.38 -32.22 9.68
CA LYS A 459 37.73 -31.91 9.15
C LYS A 459 38.06 -32.75 7.95
N ARG A 460 37.80 -34.04 8.02
CA ARG A 460 38.09 -34.95 6.91
C ARG A 460 37.17 -34.66 5.77
N VAL A 461 35.91 -34.47 6.07
CA VAL A 461 34.92 -34.12 5.05
C VAL A 461 35.23 -32.79 4.30
N VAL A 462 35.75 -31.80 5.03
CA VAL A 462 36.25 -30.55 4.40
C VAL A 462 37.46 -30.83 3.49
N GLU A 463 38.50 -31.45 4.02
CA GLU A 463 39.67 -31.87 3.25
C GLU A 463 39.35 -32.76 2.04
N THR A 464 38.39 -33.66 2.16
CA THR A 464 37.94 -34.50 1.02
C THR A 464 37.01 -33.70 0.06
N ARG A 465 36.60 -32.51 0.50
CA ARG A 465 35.56 -31.72 -0.15
C ARG A 465 34.31 -32.55 -0.39
N GLY A 466 33.94 -33.34 0.63
CA GLY A 466 32.72 -34.14 0.61
C GLY A 466 32.68 -35.32 -0.35
N GLU A 467 33.81 -35.98 -0.57
CA GLU A 467 33.82 -37.33 -1.20
C GLU A 467 33.52 -38.50 -0.20
N GLU A 468 32.23 -38.63 0.09
CA GLU A 468 31.62 -39.74 0.84
C GLU A 468 30.64 -40.46 -0.11
N LEU A 469 31.25 -41.00 -1.16
CA LEU A 469 30.58 -41.72 -2.26
C LEU A 469 29.30 -41.10 -2.83
N HIS A 470 29.49 -40.31 -3.89
CA HIS A 470 28.46 -39.92 -4.85
C HIS A 470 29.12 -39.69 -6.20
N MET B 1 -13.30 45.90 -18.14
CA MET B 1 -12.99 44.49 -18.57
C MET B 1 -12.25 43.65 -17.47
N LYS B 2 -12.69 43.75 -16.21
CA LYS B 2 -11.94 43.25 -15.01
C LYS B 2 -11.43 41.76 -14.97
N PHE B 3 -12.25 40.77 -15.28
CA PHE B 3 -11.79 39.36 -15.36
C PHE B 3 -10.94 39.21 -16.60
N PRO B 4 -9.77 38.53 -16.51
CA PRO B 4 -8.89 38.54 -17.66
C PRO B 4 -9.37 37.64 -18.81
N HIS B 5 -8.84 37.89 -20.00
CA HIS B 5 -9.22 37.16 -21.19
C HIS B 5 -8.87 35.65 -21.27
N ASP B 6 -8.02 35.17 -20.35
CA ASP B 6 -7.69 33.74 -20.18
C ASP B 6 -8.54 33.11 -19.11
N PHE B 7 -9.48 33.90 -18.59
CA PHE B 7 -10.60 33.41 -17.74
C PHE B 7 -11.79 33.22 -18.65
N LEU B 8 -12.48 32.09 -18.50
CA LEU B 8 -13.63 31.73 -19.32
C LEU B 8 -14.94 31.81 -18.52
N PHE B 9 -15.91 32.54 -19.06
CA PHE B 9 -17.31 32.56 -18.58
C PHE B 9 -18.08 31.50 -19.34
N GLY B 10 -18.70 30.59 -18.62
CA GLY B 10 -19.38 29.50 -19.31
C GLY B 10 -20.60 29.06 -18.56
N ALA B 11 -21.13 27.95 -19.03
CA ALA B 11 -22.28 27.30 -18.44
C ALA B 11 -22.25 25.80 -18.81
N ALA B 12 -22.96 25.04 -18.01
CA ALA B 12 -22.77 23.58 -17.96
C ALA B 12 -24.05 22.80 -18.17
N SER B 13 -23.95 21.61 -18.76
CA SER B 13 -25.00 20.56 -18.64
C SER B 13 -24.40 19.17 -18.32
N ALA B 14 -25.27 18.19 -18.11
CA ALA B 14 -24.92 16.76 -18.08
C ALA B 14 -25.82 15.95 -19.02
N SER B 15 -25.25 14.94 -19.65
CA SER B 15 -25.85 14.22 -20.79
C SER B 15 -27.23 13.66 -20.54
N TYR B 16 -27.36 12.86 -19.50
CA TYR B 16 -28.64 12.24 -19.16
C TYR B 16 -29.71 13.28 -18.74
N GLN B 17 -29.25 14.37 -18.14
CA GLN B 17 -30.14 15.43 -17.71
C GLN B 17 -30.76 16.26 -18.89
N VAL B 18 -30.01 16.41 -20.00
CA VAL B 18 -30.47 17.20 -21.17
C VAL B 18 -30.82 16.40 -22.42
N GLU B 19 -30.18 15.28 -22.65
CA GLU B 19 -30.10 14.73 -24.00
C GLU B 19 -31.35 14.10 -24.53
N GLY B 20 -31.81 13.11 -23.77
CA GLY B 20 -32.89 12.27 -24.20
C GLY B 20 -32.37 11.33 -25.24
N ALA B 21 -33.22 10.98 -26.20
CA ALA B 21 -32.90 9.98 -27.23
C ALA B 21 -32.12 8.82 -26.60
N TRP B 22 -32.74 8.25 -25.56
CA TRP B 22 -32.14 7.27 -24.63
C TRP B 22 -31.83 5.95 -25.31
N ASN B 23 -32.63 5.61 -26.32
CA ASN B 23 -32.49 4.36 -27.11
C ASN B 23 -32.22 4.61 -28.60
N GLU B 24 -31.80 5.82 -28.95
CA GLU B 24 -31.48 6.15 -30.35
C GLU B 24 -30.02 5.87 -30.74
N ASP B 25 -29.80 5.86 -32.05
CA ASP B 25 -28.47 5.69 -32.66
C ASP B 25 -27.50 4.79 -31.89
N GLY B 26 -28.03 3.66 -31.46
CA GLY B 26 -27.22 2.60 -30.84
C GLY B 26 -26.72 2.86 -29.44
N LYS B 27 -27.39 3.72 -28.69
CA LYS B 27 -26.94 4.04 -27.34
C LYS B 27 -27.29 2.87 -26.44
N GLY B 28 -26.30 2.41 -25.67
CA GLY B 28 -26.55 1.39 -24.68
C GLY B 28 -27.45 1.90 -23.57
N VAL B 29 -28.07 1.00 -22.86
CA VAL B 29 -28.82 1.39 -21.68
C VAL B 29 -27.82 1.63 -20.56
N THR B 30 -28.13 2.52 -19.64
CA THR B 30 -27.22 2.82 -18.55
C THR B 30 -27.82 2.57 -17.21
N ASN B 31 -27.03 2.78 -16.18
CA ASN B 31 -27.52 2.61 -14.83
C ASN B 31 -28.75 3.47 -14.49
N TRP B 32 -28.78 4.70 -14.98
CA TRP B 32 -29.85 5.62 -14.72
C TRP B 32 -31.07 5.37 -15.57
N ASP B 33 -30.92 4.81 -16.76
CA ASP B 33 -32.09 4.43 -17.57
C ASP B 33 -32.95 3.43 -16.80
N GLU B 34 -32.31 2.38 -16.28
CA GLU B 34 -32.96 1.39 -15.40
C GLU B 34 -33.44 1.97 -14.02
N PHE B 35 -32.50 2.51 -13.24
CA PHE B 35 -32.77 3.00 -11.86
C PHE B 35 -33.93 3.99 -11.76
N SER B 36 -34.05 4.88 -12.74
CA SER B 36 -35.13 5.86 -12.76
C SER B 36 -36.52 5.29 -13.09
N LYS B 37 -36.59 4.02 -13.47
CA LYS B 37 -37.86 3.35 -13.74
C LYS B 37 -38.25 2.37 -12.62
N ILE B 38 -37.45 2.29 -11.56
CA ILE B 38 -37.84 1.54 -10.36
C ILE B 38 -38.78 2.47 -9.61
N PRO B 39 -40.07 2.08 -9.44
CA PRO B 39 -41.06 2.93 -8.76
C PRO B 39 -40.64 3.50 -7.41
N GLY B 40 -40.97 4.78 -7.18
CA GLY B 40 -40.65 5.47 -5.94
C GLY B 40 -39.26 6.07 -5.83
N LYS B 41 -38.42 5.89 -6.85
CA LYS B 41 -37.01 6.35 -6.83
C LYS B 41 -36.82 7.80 -7.28
N THR B 42 -37.53 8.20 -8.34
CA THR B 42 -37.42 9.55 -8.92
C THR B 42 -38.77 10.28 -8.85
N TYR B 43 -38.72 11.61 -8.78
CA TYR B 43 -39.92 12.43 -8.60
C TYR B 43 -40.92 12.25 -9.73
N ASN B 44 -42.17 11.99 -9.38
CA ASN B 44 -43.26 11.72 -10.35
C ASN B 44 -42.95 10.65 -11.44
N GLY B 45 -41.99 9.79 -11.18
CA GLY B 45 -41.57 8.79 -12.16
C GLY B 45 -40.95 9.41 -13.41
N THR B 46 -40.28 10.55 -13.23
CA THR B 46 -39.59 11.25 -14.30
C THR B 46 -38.42 10.45 -14.89
N ASN B 47 -38.35 10.55 -16.21
CA ASN B 47 -37.54 9.70 -17.05
C ASN B 47 -36.51 10.59 -17.72
N GLY B 48 -35.38 10.00 -18.08
CA GLY B 48 -34.43 10.59 -19.01
C GLY B 48 -34.60 10.06 -20.42
N ASP B 49 -35.75 9.49 -20.73
CA ASP B 49 -36.08 9.02 -22.08
C ASP B 49 -36.02 10.14 -23.12
N ILE B 50 -36.67 11.26 -22.78
CA ILE B 50 -36.69 12.47 -23.60
C ILE B 50 -35.88 13.62 -22.97
N ALA B 51 -35.94 13.74 -21.65
CA ALA B 51 -35.35 14.85 -20.90
C ALA B 51 -35.86 16.20 -21.45
N VAL B 52 -34.96 16.98 -22.04
CA VAL B 52 -35.24 18.28 -22.65
C VAL B 52 -34.94 18.17 -24.15
N ASP B 53 -34.84 16.95 -24.67
CA ASP B 53 -34.67 16.68 -26.10
C ASP B 53 -33.45 17.33 -26.77
N HIS B 54 -32.41 17.61 -26.01
CA HIS B 54 -31.19 18.29 -26.52
C HIS B 54 -30.40 17.55 -27.61
N TYR B 55 -30.55 16.23 -27.69
CA TYR B 55 -29.93 15.45 -28.76
C TYR B 55 -30.40 15.95 -30.10
N HIS B 56 -31.70 16.14 -30.22
CA HIS B 56 -32.33 16.57 -31.48
C HIS B 56 -32.28 18.07 -31.72
N ARG B 57 -32.16 18.85 -30.66
CA ARG B 57 -32.20 20.32 -30.77
C ARG B 57 -30.88 20.99 -30.46
N TYR B 58 -29.77 20.28 -30.66
CA TYR B 58 -28.45 20.81 -30.27
C TYR B 58 -28.02 22.06 -31.05
N LYS B 59 -28.33 22.11 -32.33
CA LYS B 59 -28.01 23.25 -33.17
C LYS B 59 -28.71 24.46 -32.57
N GLU B 60 -29.97 24.28 -32.19
CA GLU B 60 -30.80 25.37 -31.67
C GLU B 60 -30.21 25.89 -30.37
N ASP B 61 -29.77 24.97 -29.52
CA ASP B 61 -29.34 25.30 -28.18
C ASP B 61 -27.98 26.00 -28.18
N VAL B 62 -27.10 25.54 -29.05
CA VAL B 62 -25.81 26.18 -29.22
C VAL B 62 -25.96 27.58 -29.86
N ARG B 63 -26.94 27.77 -30.75
CA ARG B 63 -27.30 29.12 -31.25
C ARG B 63 -27.66 30.10 -30.11
N LEU B 64 -28.47 29.66 -29.16
CA LEU B 64 -28.80 30.48 -28.00
C LEU B 64 -27.58 30.80 -27.16
N MET B 65 -26.74 29.80 -26.96
CA MET B 65 -25.45 30.00 -26.28
C MET B 65 -24.60 31.07 -26.99
N ALA B 66 -24.49 30.95 -28.30
CA ALA B 66 -23.81 31.97 -29.09
C ALA B 66 -24.48 33.31 -28.80
N GLU B 67 -25.81 33.39 -28.87
CA GLU B 67 -26.51 34.66 -28.63
C GLU B 67 -26.30 35.21 -27.19
N MET B 68 -25.97 34.31 -26.25
CA MET B 68 -25.64 34.71 -24.88
C MET B 68 -24.23 35.29 -24.76
N GLY B 69 -23.46 35.23 -25.83
CA GLY B 69 -22.03 35.44 -25.76
C GLY B 69 -21.31 34.46 -24.84
N LEU B 70 -21.80 33.23 -24.76
CA LEU B 70 -21.14 32.20 -23.96
C LEU B 70 -19.72 31.91 -24.49
N GLU B 71 -18.73 31.95 -23.59
CA GLU B 71 -17.35 31.70 -24.00
C GLU B 71 -17.04 30.21 -24.03
N SER B 72 -17.63 29.46 -23.10
CA SER B 72 -17.37 28.02 -22.99
C SER B 72 -18.63 27.27 -22.61
N TYR B 73 -18.80 26.10 -23.24
CA TYR B 73 -19.83 25.18 -22.88
C TYR B 73 -19.21 23.88 -22.31
N ARG B 74 -19.50 23.64 -21.04
CA ARG B 74 -19.18 22.38 -20.35
C ARG B 74 -20.31 21.41 -20.49
N PHE B 75 -20.09 20.38 -21.29
CA PHE B 75 -21.05 19.27 -21.42
C PHE B 75 -20.39 17.94 -21.09
N SER B 76 -21.20 16.90 -20.96
CA SER B 76 -20.71 15.55 -20.73
C SER B 76 -20.98 14.61 -21.91
N ILE B 77 -19.99 13.83 -22.31
CA ILE B 77 -20.22 12.73 -23.24
C ILE B 77 -20.93 11.58 -22.50
N SER B 78 -21.89 10.94 -23.20
CA SER B 78 -22.54 9.71 -22.73
C SER B 78 -21.69 8.54 -23.21
N TRP B 79 -20.96 7.95 -22.27
CA TRP B 79 -20.25 6.70 -22.42
C TRP B 79 -21.02 5.65 -23.27
N ALA B 80 -22.31 5.51 -23.05
CA ALA B 80 -23.12 4.51 -23.73
C ALA B 80 -23.33 4.82 -25.19
N ARG B 81 -23.13 6.09 -25.56
CA ARG B 81 -23.15 6.48 -26.98
C ARG B 81 -21.85 6.12 -27.68
N ILE B 82 -20.73 6.21 -26.99
CA ILE B 82 -19.41 5.99 -27.60
C ILE B 82 -19.11 4.50 -27.61
N LEU B 83 -19.25 3.89 -26.43
CA LEU B 83 -19.02 2.46 -26.16
C LEU B 83 -20.25 1.91 -25.43
N PRO B 84 -21.23 1.36 -26.19
CA PRO B 84 -22.55 0.98 -25.68
C PRO B 84 -22.59 0.07 -24.44
N THR B 85 -21.63 -0.84 -24.32
CA THR B 85 -21.59 -1.79 -23.23
C THR B 85 -20.44 -1.53 -22.25
N GLY B 86 -19.66 -0.48 -22.50
CA GLY B 86 -18.54 -0.08 -21.60
C GLY B 86 -17.17 -0.28 -22.21
N ASP B 87 -17.04 -1.37 -22.93
CA ASP B 87 -15.84 -1.71 -23.68
C ASP B 87 -16.31 -2.26 -25.03
N GLY B 88 -15.40 -2.87 -25.76
CA GLY B 88 -15.77 -3.51 -27.01
C GLY B 88 -15.97 -2.52 -28.11
N LYS B 89 -16.95 -2.80 -28.95
CA LYS B 89 -17.08 -2.15 -30.25
C LYS B 89 -17.51 -0.67 -30.08
N VAL B 90 -16.69 0.22 -30.65
CA VAL B 90 -16.99 1.66 -30.74
C VAL B 90 -18.24 1.87 -31.61
N ASN B 91 -19.09 2.81 -31.20
CA ASN B 91 -20.30 3.19 -31.90
C ASN B 91 -20.09 4.41 -32.84
N GLU B 92 -20.04 4.13 -34.14
CA GLU B 92 -20.06 5.09 -35.26
C GLU B 92 -20.85 6.37 -34.95
N LYS B 93 -22.11 6.21 -34.56
CA LYS B 93 -23.06 7.32 -34.55
C LYS B 93 -23.04 8.13 -33.26
N GLY B 94 -22.39 7.60 -32.23
CA GLY B 94 -22.14 8.36 -31.01
C GLY B 94 -21.05 9.39 -31.20
N ILE B 95 -19.97 8.93 -31.85
CA ILE B 95 -18.85 9.78 -32.22
C ILE B 95 -19.30 10.92 -33.16
N GLU B 96 -20.11 10.53 -34.14
CA GLU B 96 -20.77 11.42 -35.08
C GLU B 96 -21.56 12.51 -34.34
N PHE B 97 -22.31 12.14 -33.33
CA PHE B 97 -23.08 13.15 -32.62
C PHE B 97 -22.25 14.13 -31.81
N TYR B 98 -21.25 13.65 -31.11
CA TYR B 98 -20.43 14.53 -30.30
C TYR B 98 -19.50 15.40 -31.11
N ASN B 99 -19.17 14.95 -32.30
CA ASN B 99 -18.35 15.72 -33.19
C ASN B 99 -19.16 16.89 -33.70
N ASN B 100 -20.44 16.67 -33.92
CA ASN B 100 -21.33 17.69 -34.37
C ASN B 100 -21.57 18.72 -33.30
N LEU B 101 -21.68 18.29 -32.06
CA LEU B 101 -21.91 19.20 -30.97
C LEU B 101 -20.70 20.08 -30.80
N ILE B 102 -19.54 19.46 -30.88
CA ILE B 102 -18.28 20.13 -30.75
C ILE B 102 -18.03 21.11 -31.88
N ASP B 103 -18.23 20.66 -33.09
CA ASP B 103 -18.05 21.50 -34.30
C ASP B 103 -18.95 22.74 -34.30
N GLU B 104 -20.15 22.58 -33.72
CA GLU B 104 -21.12 23.65 -33.64
C GLU B 104 -20.77 24.68 -32.64
N CYS B 105 -20.47 24.26 -31.43
CA CYS B 105 -19.88 25.16 -30.43
C CYS B 105 -18.78 25.96 -31.10
N LEU B 106 -17.89 25.25 -31.77
CA LEU B 106 -16.71 25.83 -32.39
C LEU B 106 -16.99 26.82 -33.54
N LYS B 107 -18.05 26.57 -34.34
CA LYS B 107 -18.53 27.55 -35.35
C LYS B 107 -18.57 28.94 -34.74
N TYR B 108 -19.18 29.03 -33.56
CA TYR B 108 -19.42 30.28 -32.84
C TYR B 108 -18.32 30.69 -31.87
N GLY B 109 -17.17 30.03 -31.93
CA GLY B 109 -16.04 30.36 -31.04
C GLY B 109 -16.18 29.88 -29.60
N ILE B 110 -17.20 29.06 -29.35
CA ILE B 110 -17.46 28.57 -28.00
C ILE B 110 -16.56 27.37 -27.77
N VAL B 111 -15.92 27.39 -26.61
CA VAL B 111 -14.91 26.43 -26.19
C VAL B 111 -15.56 25.18 -25.56
N PRO B 112 -15.49 24.03 -26.27
CA PRO B 112 -15.94 22.83 -25.59
C PRO B 112 -14.98 22.46 -24.41
N PHE B 113 -15.57 22.17 -23.26
CA PHE B 113 -14.89 21.65 -22.06
C PHE B 113 -15.67 20.35 -21.82
N VAL B 114 -15.08 19.19 -22.12
CA VAL B 114 -15.82 17.93 -22.05
C VAL B 114 -15.63 17.20 -20.72
N THR B 115 -16.77 16.84 -20.11
CA THR B 115 -16.84 15.93 -18.98
C THR B 115 -17.05 14.49 -19.50
N LEU B 116 -16.14 13.60 -19.12
CA LEU B 116 -16.13 12.24 -19.63
C LEU B 116 -17.22 11.41 -18.93
N TYR B 117 -17.30 11.53 -17.60
CA TYR B 117 -18.25 10.76 -16.78
C TYR B 117 -19.04 11.66 -15.82
N HIS B 118 -20.32 11.84 -16.15
CA HIS B 118 -21.25 12.59 -15.30
C HIS B 118 -22.36 11.64 -14.89
N TRP B 119 -21.94 10.52 -14.29
CA TRP B 119 -22.79 9.58 -13.53
C TRP B 119 -23.57 8.57 -14.41
N ASP B 120 -23.46 8.65 -15.72
CA ASP B 120 -24.32 7.86 -16.60
C ASP B 120 -23.48 6.68 -17.15
N LEU B 121 -23.19 5.77 -16.22
CA LEU B 121 -22.51 4.47 -16.48
C LEU B 121 -23.31 3.45 -17.32
N PRO B 122 -22.71 2.93 -18.41
CA PRO B 122 -23.39 1.82 -19.13
C PRO B 122 -23.65 0.61 -18.20
N LEU B 123 -24.76 -0.07 -18.45
CA LEU B 123 -25.39 -0.91 -17.45
C LEU B 123 -24.57 -2.11 -17.07
N PRO B 124 -23.95 -2.79 -18.07
CA PRO B 124 -23.01 -3.89 -17.83
C PRO B 124 -21.98 -3.62 -16.74
N LEU B 125 -21.39 -2.44 -16.83
CA LEU B 125 -20.36 -2.02 -15.87
C LEU B 125 -20.93 -1.80 -14.48
N GLU B 126 -22.19 -1.32 -14.37
CA GLU B 126 -22.89 -1.28 -13.05
C GLU B 126 -23.03 -2.66 -12.42
N LYS B 127 -23.54 -3.58 -13.24
CA LYS B 127 -23.78 -4.97 -12.92
C LYS B 127 -22.52 -5.71 -12.56
N ASP B 128 -21.39 -5.22 -13.02
CA ASP B 128 -20.11 -5.78 -12.66
C ASP B 128 -19.65 -5.19 -11.33
N GLY B 129 -20.49 -4.44 -10.63
CA GLY B 129 -20.07 -3.80 -9.42
C GLY B 129 -19.78 -2.33 -9.62
N GLY B 130 -19.86 -1.85 -10.84
CA GLY B 130 -19.62 -0.47 -11.12
C GLY B 130 -18.26 -0.05 -10.68
N TRP B 131 -18.22 0.93 -9.78
CA TRP B 131 -16.97 1.48 -9.32
C TRP B 131 -16.25 0.74 -8.24
N THR B 132 -16.80 -0.38 -7.81
CA THR B 132 -16.15 -1.19 -6.83
C THR B 132 -15.34 -2.25 -7.54
N ASN B 133 -15.34 -2.24 -8.87
CA ASN B 133 -14.59 -3.19 -9.66
C ASN B 133 -13.49 -2.50 -10.46
N LYS B 134 -12.24 -2.90 -10.29
CA LYS B 134 -11.12 -2.31 -11.01
C LYS B 134 -11.37 -2.29 -12.49
N ARG B 135 -12.05 -3.31 -12.95
CA ARG B 135 -12.55 -3.47 -14.32
C ARG B 135 -13.15 -2.19 -14.93
N THR B 136 -14.19 -1.66 -14.28
CA THR B 136 -14.85 -0.41 -14.69
C THR B 136 -13.84 0.77 -14.84
N ALA B 137 -12.90 0.91 -13.91
CA ALA B 137 -11.86 1.93 -13.99
C ALA B 137 -10.99 1.70 -15.22
N GLU B 138 -10.74 0.44 -15.55
CA GLU B 138 -9.92 0.09 -16.72
C GLU B 138 -10.70 0.32 -18.02
N ALA B 139 -12.00 0.01 -17.99
CA ALA B 139 -12.94 0.33 -19.08
C ALA B 139 -13.05 1.83 -19.36
N PHE B 140 -12.90 2.63 -18.28
CA PHE B 140 -12.96 4.09 -18.37
C PHE B 140 -11.75 4.65 -19.09
N VAL B 141 -10.56 4.20 -18.70
CA VAL B 141 -9.35 4.69 -19.37
C VAL B 141 -9.40 4.35 -20.85
N LYS B 142 -9.92 3.18 -21.20
CA LYS B 142 -10.09 2.81 -22.61
C LYS B 142 -11.11 3.72 -23.32
N TYR B 143 -12.23 3.99 -22.66
CA TYR B 143 -13.27 4.92 -23.15
C TYR B 143 -12.75 6.35 -23.35
N ALA B 144 -12.02 6.85 -22.35
CA ALA B 144 -11.39 8.16 -22.40
C ALA B 144 -10.41 8.32 -23.58
N GLU B 145 -9.53 7.35 -23.73
CA GLU B 145 -8.66 7.22 -24.89
C GLU B 145 -9.44 7.27 -26.23
N THR B 146 -10.57 6.59 -26.30
CA THR B 146 -11.42 6.64 -27.51
C THR B 146 -11.91 8.08 -27.83
N CYS B 147 -12.21 8.84 -26.79
CA CYS B 147 -12.73 10.21 -26.95
C CYS B 147 -11.58 11.16 -27.26
N PHE B 148 -10.44 10.95 -26.59
CA PHE B 148 -9.25 11.76 -26.87
C PHE B 148 -8.85 11.70 -28.33
N LYS B 149 -8.84 10.47 -28.86
CA LYS B 149 -8.43 10.19 -30.23
C LYS B 149 -9.42 10.71 -31.25
N ALA B 150 -10.70 10.72 -30.89
CA ALA B 150 -11.77 11.16 -31.75
C ALA B 150 -12.02 12.67 -31.68
N PHE B 151 -11.77 13.27 -30.52
CA PHE B 151 -12.18 14.67 -30.27
C PHE B 151 -11.07 15.64 -29.88
N GLY B 152 -9.86 15.14 -29.63
CA GLY B 152 -8.78 15.93 -29.00
C GLY B 152 -7.99 16.88 -29.89
N ASP B 153 -8.18 16.74 -31.21
CA ASP B 153 -7.76 17.75 -32.19
C ASP B 153 -8.59 19.03 -32.05
N ARG B 154 -9.76 18.96 -31.44
CA ARG B 154 -10.60 20.15 -31.17
C ARG B 154 -10.88 20.43 -29.70
N VAL B 155 -11.25 19.40 -28.95
CA VAL B 155 -11.43 19.53 -27.51
C VAL B 155 -10.05 19.56 -26.87
N LYS B 156 -9.78 20.64 -26.12
CA LYS B 156 -8.52 20.89 -25.43
C LYS B 156 -8.74 21.22 -23.96
N HIS B 157 -9.93 20.94 -23.49
CA HIS B 157 -10.22 21.10 -22.07
C HIS B 157 -11.10 19.94 -21.67
N TRP B 158 -10.60 19.14 -20.73
CA TRP B 158 -11.17 17.85 -20.42
C TRP B 158 -11.35 17.69 -18.91
N ILE B 159 -12.54 17.24 -18.51
CA ILE B 159 -12.83 16.74 -17.16
C ILE B 159 -13.07 15.23 -17.28
N THR B 160 -12.44 14.47 -16.39
CA THR B 160 -12.68 13.04 -16.28
C THR B 160 -13.99 12.79 -15.54
N PHE B 161 -14.01 13.08 -14.24
CA PHE B 161 -15.15 12.81 -13.37
C PHE B 161 -15.82 14.05 -12.81
N ASN B 162 -17.14 13.98 -12.75
CA ASN B 162 -17.95 15.00 -12.09
C ASN B 162 -18.35 14.46 -10.76
N GLU B 163 -17.80 15.04 -9.70
CA GLU B 163 -18.33 14.87 -8.33
C GLU B 163 -18.31 13.42 -7.82
N THR B 164 -17.12 12.85 -7.74
CA THR B 164 -16.98 11.50 -7.22
C THR B 164 -17.79 11.31 -5.93
N VAL B 165 -17.69 12.31 -5.04
CA VAL B 165 -18.40 12.38 -3.72
C VAL B 165 -19.85 11.93 -3.83
N MET B 166 -20.52 12.43 -4.84
CA MET B 166 -21.94 12.17 -5.04
C MET B 166 -22.21 10.81 -5.64
N PHE B 167 -21.55 10.41 -6.73
CA PHE B 167 -21.94 9.13 -7.36
C PHE B 167 -21.48 7.92 -6.52
N CYS B 168 -20.42 8.08 -5.71
CA CYS B 168 -20.04 7.04 -4.73
C CYS B 168 -20.83 7.15 -3.42
N GLY B 169 -20.93 8.37 -2.89
CA GLY B 169 -21.68 8.64 -1.65
C GLY B 169 -23.18 8.32 -1.70
N LEU B 170 -23.84 8.80 -2.74
CA LEU B 170 -25.25 8.52 -2.96
C LEU B 170 -25.53 7.05 -3.38
N GLY B 171 -24.62 6.43 -4.12
CA GLY B 171 -24.81 5.03 -4.54
C GLY B 171 -24.57 3.94 -3.49
N TYR B 172 -23.76 4.25 -2.48
CA TYR B 172 -23.29 3.24 -1.50
C TYR B 172 -23.57 3.57 -0.02
N LEU B 173 -23.68 4.85 0.33
CA LEU B 173 -24.10 5.26 1.67
C LEU B 173 -25.58 5.55 1.82
N LYS B 174 -26.14 6.37 0.93
CA LYS B 174 -27.56 6.76 1.01
C LYS B 174 -28.47 5.91 0.15
N GLY B 175 -27.89 5.24 -0.82
CA GLY B 175 -28.67 4.42 -1.70
C GLY B 175 -29.65 5.22 -2.50
N ALA B 176 -29.35 6.50 -2.70
CA ALA B 176 -30.21 7.39 -3.44
C ALA B 176 -29.96 7.28 -4.91
N HIS B 177 -28.72 7.02 -5.28
CA HIS B 177 -28.33 6.85 -6.66
C HIS B 177 -28.01 5.38 -6.91
N PRO B 178 -27.99 4.94 -8.15
CA PRO B 178 -27.65 3.51 -8.36
C PRO B 178 -26.23 3.20 -7.82
N PRO B 179 -25.94 1.98 -7.31
CA PRO B 179 -26.84 0.82 -7.31
C PRO B 179 -27.95 0.79 -6.26
N GLY B 180 -28.03 1.81 -5.42
CA GLY B 180 -29.06 1.90 -4.37
C GLY B 180 -28.65 1.16 -3.11
N ILE B 181 -27.35 1.19 -2.79
CA ILE B 181 -26.82 0.50 -1.62
C ILE B 181 -26.74 1.50 -0.47
N GLN B 182 -27.08 1.00 0.72
CA GLN B 182 -27.13 1.81 1.93
C GLN B 182 -26.06 1.41 2.95
N ASN B 183 -25.51 2.41 3.64
CA ASN B 183 -24.53 2.20 4.72
C ASN B 183 -23.35 1.22 4.49
N ASP B 184 -23.03 0.97 3.23
CA ASP B 184 -21.88 0.16 2.86
C ASP B 184 -20.66 1.08 2.64
N VAL B 185 -20.04 1.47 3.75
CA VAL B 185 -18.89 2.38 3.71
C VAL B 185 -17.61 1.78 3.05
N PRO B 186 -17.35 0.46 3.23
CA PRO B 186 -16.15 -0.07 2.52
C PRO B 186 -16.31 -0.07 0.99
N LYS B 187 -17.53 -0.25 0.51
CA LYS B 187 -17.81 -0.13 -0.93
C LYS B 187 -17.66 1.30 -1.43
N TYR B 188 -18.17 2.23 -0.63
CA TYR B 188 -18.00 3.66 -0.88
C TYR B 188 -16.56 4.05 -1.04
N PHE B 189 -15.73 3.72 -0.05
CA PHE B 189 -14.31 4.11 -0.13
C PHE B 189 -13.58 3.34 -1.22
N GLN B 190 -14.05 2.14 -1.54
CA GLN B 190 -13.54 1.37 -2.70
C GLN B 190 -13.79 2.07 -4.01
N ALA B 191 -15.07 2.34 -4.24
CA ALA B 191 -15.52 3.17 -5.36
C ALA B 191 -14.63 4.41 -5.56
N THR B 192 -14.48 5.21 -4.52
CA THR B 192 -13.64 6.41 -4.62
C THR B 192 -12.24 6.10 -5.07
N HIS B 193 -11.68 4.99 -4.55
CA HIS B 193 -10.28 4.65 -4.86
C HIS B 193 -10.07 4.28 -6.34
N TYR B 194 -10.89 3.37 -6.86
CA TYR B 194 -10.80 2.98 -8.28
C TYR B 194 -11.11 4.16 -9.25
N VAL B 195 -11.96 5.09 -8.80
CA VAL B 195 -12.19 6.33 -9.51
C VAL B 195 -10.92 7.17 -9.51
N PHE B 196 -10.26 7.34 -8.36
CA PHE B 196 -9.04 8.16 -8.35
C PHE B 196 -8.00 7.46 -9.21
N TYR B 197 -8.00 6.12 -9.16
CA TYR B 197 -7.12 5.32 -10.02
C TYR B 197 -7.39 5.57 -11.52
N ALA B 198 -8.62 5.34 -11.94
CA ALA B 198 -8.99 5.56 -13.33
C ALA B 198 -8.61 6.95 -13.80
N HIS B 199 -8.78 7.95 -12.93
CA HIS B 199 -8.44 9.36 -13.26
C HIS B 199 -6.97 9.53 -13.58
N ALA B 200 -6.13 9.18 -12.60
CA ALA B 200 -4.67 9.36 -12.67
C ALA B 200 -4.08 8.56 -13.82
N LYS B 201 -4.61 7.37 -14.06
CA LYS B 201 -4.23 6.60 -15.24
C LYS B 201 -4.71 7.21 -16.55
N THR B 202 -5.94 7.70 -16.55
CA THR B 202 -6.45 8.45 -17.71
C THR B 202 -5.63 9.72 -18.02
N VAL B 203 -5.13 10.37 -16.97
CA VAL B 203 -4.30 11.56 -17.15
C VAL B 203 -2.99 11.19 -17.83
N ALA B 204 -2.38 10.10 -17.35
CA ALA B 204 -1.17 9.49 -17.96
C ALA B 204 -1.40 9.23 -19.42
N VAL B 205 -2.46 8.48 -19.74
CA VAL B 205 -2.80 8.21 -21.15
C VAL B 205 -2.94 9.51 -21.96
N TYR B 206 -3.56 10.55 -21.38
CA TYR B 206 -3.73 11.84 -22.07
C TYR B 206 -2.42 12.50 -22.46
N LYS B 207 -1.53 12.67 -21.50
CA LYS B 207 -0.26 13.34 -21.76
C LYS B 207 0.56 12.66 -22.86
N GLN B 208 0.48 11.33 -22.91
CA GLN B 208 1.15 10.48 -23.91
C GLN B 208 0.60 10.64 -25.29
N LEU B 209 -0.65 11.08 -25.39
CA LEU B 209 -1.29 11.31 -26.70
C LEU B 209 -0.83 12.62 -27.41
N LYS B 210 -0.18 13.49 -26.63
CA LYS B 210 0.43 14.77 -27.11
C LYS B 210 -0.57 15.70 -27.80
N GLN B 211 -1.73 15.87 -27.18
CA GLN B 211 -2.76 16.74 -27.72
C GLN B 211 -2.65 18.17 -27.22
N TYR B 212 -2.01 18.34 -26.07
CA TYR B 212 -1.75 19.67 -25.46
C TYR B 212 -3.01 20.46 -25.12
N GLY B 213 -4.07 19.76 -24.71
CA GLY B 213 -5.18 20.41 -24.05
C GLY B 213 -4.88 20.44 -22.57
N GLU B 214 -5.91 20.55 -21.75
CA GLU B 214 -5.75 20.42 -20.32
C GLU B 214 -6.74 19.40 -19.78
N ILE B 215 -6.39 18.81 -18.63
CA ILE B 215 -7.12 17.72 -18.04
C ILE B 215 -7.04 17.86 -16.53
N GLY B 216 -8.13 17.43 -15.89
CA GLY B 216 -8.37 17.63 -14.48
C GLY B 216 -9.65 16.90 -14.07
N ILE B 217 -9.85 16.80 -12.77
CA ILE B 217 -11.09 16.23 -12.21
C ILE B 217 -11.92 17.42 -11.66
N THR B 218 -13.21 17.18 -11.46
CA THR B 218 -14.11 18.16 -10.89
C THR B 218 -14.74 17.54 -9.68
N HIS B 219 -14.47 18.12 -8.50
CA HIS B 219 -15.11 17.69 -7.24
C HIS B 219 -16.13 18.67 -6.71
N VAL B 220 -17.10 18.12 -6.01
CA VAL B 220 -17.75 18.89 -4.97
C VAL B 220 -16.67 19.59 -4.11
N PHE B 221 -16.85 20.89 -3.90
CA PHE B 221 -16.07 21.67 -2.97
C PHE B 221 -17.03 22.14 -1.89
N LEU B 222 -16.96 21.49 -0.74
CA LEU B 222 -17.87 21.64 0.36
C LEU B 222 -17.06 22.02 1.63
N PRO B 223 -16.47 23.23 1.67
CA PRO B 223 -15.67 23.68 2.83
C PRO B 223 -16.48 23.68 4.11
N ALA B 224 -15.93 23.13 5.19
CA ALA B 224 -16.69 22.99 6.46
C ALA B 224 -16.18 23.93 7.53
N TYR B 225 -17.05 24.21 8.49
CA TYR B 225 -16.80 25.27 9.51
C TYR B 225 -17.40 24.91 10.86
N SER B 226 -16.66 25.20 11.91
CA SER B 226 -17.19 24.99 13.25
C SER B 226 -18.34 25.96 13.49
N VAL B 227 -19.44 25.43 13.99
CA VAL B 227 -20.63 26.20 14.34
C VAL B 227 -20.32 27.34 15.33
N ASP B 228 -19.23 27.19 16.10
CA ASP B 228 -18.68 28.25 16.96
C ASP B 228 -17.15 28.06 17.24
N ASP B 229 -16.65 28.67 18.33
CA ASP B 229 -15.25 28.56 18.83
C ASP B 229 -15.00 27.37 19.76
N GLN B 230 -16.01 26.58 20.08
CA GLN B 230 -15.83 25.42 20.95
C GLN B 230 -14.92 24.37 20.30
N LYS B 231 -13.95 23.89 21.09
CA LYS B 231 -12.88 22.97 20.61
C LYS B 231 -13.44 21.70 19.98
N GLU B 232 -14.36 21.06 20.67
CA GLU B 232 -14.99 19.83 20.15
C GLU B 232 -15.77 20.04 18.82
N ASN B 233 -16.29 21.25 18.63
CA ASN B 233 -16.96 21.60 17.38
C ASN B 233 -15.97 21.87 16.23
N ILE B 234 -14.87 22.56 16.55
CA ILE B 234 -13.72 22.74 15.63
C ILE B 234 -13.03 21.43 15.22
N GLN B 235 -12.97 20.51 16.16
CA GLN B 235 -12.51 19.15 15.90
C GLN B 235 -13.38 18.46 14.84
N ALA B 236 -14.70 18.57 15.02
CA ALA B 236 -15.71 18.08 14.06
C ALA B 236 -15.53 18.60 12.62
N ALA B 237 -15.23 19.89 12.49
CA ALA B 237 -14.98 20.54 11.20
C ALA B 237 -13.70 20.03 10.49
N ASN B 238 -12.62 19.94 11.26
CA ASN B 238 -11.37 19.28 10.79
C ASN B 238 -11.64 17.90 10.22
N HIS B 239 -12.36 17.11 11.00
CA HIS B 239 -12.83 15.80 10.59
C HIS B 239 -13.59 15.88 9.27
N ALA B 240 -14.57 16.78 9.22
CA ALA B 240 -15.40 17.07 8.06
C ALA B 240 -14.55 17.37 6.83
N ASN B 241 -13.62 18.28 7.02
CA ASN B 241 -12.70 18.70 5.96
C ASN B 241 -11.76 17.60 5.52
N GLU B 242 -11.24 16.82 6.47
CA GLU B 242 -10.41 15.67 6.18
C GLU B 242 -11.16 14.69 5.24
N TYR B 243 -12.39 14.32 5.63
CA TYR B 243 -13.14 13.35 4.87
C TYR B 243 -13.75 13.87 3.59
N GLU B 244 -14.18 15.14 3.61
CA GLU B 244 -14.96 15.73 2.52
C GLU B 244 -14.16 16.59 1.55
N THR B 245 -13.02 17.12 1.99
CA THR B 245 -12.03 17.71 1.05
C THR B 245 -10.76 16.80 0.85
N TYR B 246 -10.04 16.52 1.93
CA TYR B 246 -8.70 15.96 1.79
C TYR B 246 -8.66 14.54 1.15
N TRP B 247 -9.59 13.68 1.51
CA TRP B 247 -9.75 12.40 0.85
C TRP B 247 -9.91 12.49 -0.68
N TYR B 248 -10.61 13.52 -1.13
CA TYR B 248 -10.91 13.72 -2.56
C TYR B 248 -9.82 14.49 -3.27
N TYR B 249 -9.31 15.53 -2.62
CA TYR B 249 -8.38 16.46 -3.25
C TYR B 249 -6.90 16.08 -3.11
N ASP B 250 -6.52 15.40 -2.03
CA ASP B 250 -5.12 14.95 -1.83
C ASP B 250 -4.63 13.87 -2.85
N PRO B 251 -5.43 12.81 -3.08
CA PRO B 251 -4.95 11.82 -4.06
C PRO B 251 -4.70 12.40 -5.45
N ILE B 252 -5.54 13.33 -5.88
CA ILE B 252 -5.40 13.94 -7.21
C ILE B 252 -4.33 15.00 -7.24
N LEU B 253 -4.26 15.86 -6.22
CA LEU B 253 -3.30 16.98 -6.25
C LEU B 253 -1.94 16.67 -5.61
N LYS B 254 -1.96 16.00 -4.45
CA LYS B 254 -0.73 15.59 -3.74
C LYS B 254 -0.15 14.21 -4.16
N GLY B 255 -1.00 13.28 -4.59
CA GLY B 255 -0.54 11.95 -4.98
C GLY B 255 -0.75 10.91 -3.89
N GLU B 256 -0.61 11.33 -2.63
CA GLU B 256 -0.87 10.48 -1.46
C GLU B 256 -2.31 10.70 -0.93
N TYR B 257 -2.92 9.65 -0.36
CA TYR B 257 -4.13 9.78 0.46
C TYR B 257 -3.80 10.38 1.83
N PRO B 258 -4.79 10.97 2.54
CA PRO B 258 -4.46 11.76 3.72
C PRO B 258 -4.35 10.87 4.94
N SER B 259 -3.21 10.90 5.62
CA SER B 259 -2.91 9.92 6.68
C SER B 259 -4.02 9.78 7.75
N TYR B 260 -4.49 10.89 8.30
CA TYR B 260 -5.65 10.91 9.23
C TYR B 260 -6.74 9.92 8.84
N VAL B 261 -7.31 10.07 7.64
CA VAL B 261 -8.46 9.21 7.28
C VAL B 261 -8.04 7.78 6.92
N VAL B 262 -6.88 7.63 6.27
CA VAL B 262 -6.27 6.31 6.01
C VAL B 262 -6.12 5.50 7.34
N GLN B 263 -5.48 6.14 8.32
CA GLN B 263 -5.30 5.56 9.67
C GLN B 263 -6.63 5.08 10.26
N GLN B 264 -7.65 5.91 10.13
CA GLN B 264 -8.97 5.63 10.64
C GLN B 264 -9.71 4.54 9.91
N LEU B 265 -9.50 4.39 8.60
CA LEU B 265 -10.09 3.25 7.85
C LEU B 265 -9.41 1.93 8.19
N LYS B 266 -8.10 1.97 8.48
CA LYS B 266 -7.37 0.75 8.86
C LYS B 266 -7.90 0.32 10.21
N GLU B 267 -7.80 1.24 11.16
CA GLU B 267 -8.33 1.09 12.52
C GLU B 267 -9.81 0.69 12.63
N LYS B 268 -10.55 0.67 11.53
CA LYS B 268 -11.97 0.28 11.51
C LYS B 268 -12.30 -0.87 10.55
N GLY B 269 -11.32 -1.40 9.82
CA GLY B 269 -11.58 -2.38 8.77
C GLY B 269 -12.47 -1.82 7.67
N TRP B 270 -12.03 -0.71 7.07
CA TRP B 270 -12.71 -0.06 5.92
C TRP B 270 -11.74 0.30 4.77
N THR B 271 -10.48 -0.10 4.85
CA THR B 271 -9.52 0.24 3.84
C THR B 271 -9.82 -0.41 2.51
N PRO B 272 -9.73 0.33 1.43
CA PRO B 272 -10.05 -0.24 0.13
C PRO B 272 -9.05 -1.27 -0.31
N ASN B 273 -9.44 -2.21 -1.16
CA ASN B 273 -8.50 -3.19 -1.64
C ASN B 273 -7.55 -2.52 -2.62
N TRP B 274 -6.49 -1.91 -2.14
CA TRP B 274 -5.62 -1.18 -3.01
C TRP B 274 -4.21 -1.74 -3.12
N THR B 275 -3.66 -1.69 -4.31
CA THR B 275 -2.33 -2.19 -4.55
C THR B 275 -1.32 -1.12 -4.69
N VAL B 276 -0.08 -1.50 -4.57
CA VAL B 276 1.03 -0.55 -4.66
C VAL B 276 1.17 0.08 -6.05
N GLU B 277 0.93 -0.75 -7.09
CA GLU B 277 0.89 -0.34 -8.49
C GLU B 277 -0.08 0.83 -8.67
N GLU B 278 -1.31 0.61 -8.18
CA GLU B 278 -2.39 1.62 -8.22
C GLU B 278 -1.98 2.89 -7.50
N LEU B 279 -1.54 2.77 -6.25
CA LEU B 279 -1.08 3.93 -5.48
C LEU B 279 0.10 4.66 -6.12
N GLU B 280 0.88 3.95 -6.93
CA GLU B 280 2.08 4.51 -7.60
C GLU B 280 1.65 5.38 -8.80
N ILE B 281 0.76 4.85 -9.62
CA ILE B 281 0.16 5.56 -10.75
C ILE B 281 -0.51 6.89 -10.31
N ILE B 282 -1.34 6.82 -9.28
CA ILE B 282 -1.91 7.96 -8.60
C ILE B 282 -0.81 8.89 -8.07
N LYS B 283 0.27 8.35 -7.54
CA LYS B 283 1.37 9.19 -7.03
C LYS B 283 2.03 9.92 -8.18
N GLN B 284 2.24 9.20 -9.28
CA GLN B 284 3.12 9.68 -10.34
C GLN B 284 2.43 10.70 -11.24
N ASN B 285 1.10 10.62 -11.32
CA ASN B 285 0.28 11.50 -12.20
C ASN B 285 -0.41 12.67 -11.52
N ALA B 286 -0.30 12.76 -10.20
CA ALA B 286 -0.84 13.90 -9.46
C ALA B 286 -0.30 15.23 -9.98
N GLU B 287 0.99 15.25 -10.35
CA GLU B 287 1.65 16.46 -10.92
C GLU B 287 1.27 16.75 -12.39
N GLU B 288 0.54 15.83 -13.04
CA GLU B 288 0.13 15.94 -14.44
C GLU B 288 -1.20 16.69 -14.66
N ASN B 289 -2.02 16.75 -13.61
CA ASN B 289 -3.24 17.59 -13.59
C ASN B 289 -2.90 19.04 -13.90
N ASP B 290 -3.67 19.63 -14.79
CA ASP B 290 -3.50 21.03 -15.16
C ASP B 290 -4.37 22.00 -14.33
N PHE B 291 -5.39 21.47 -13.68
CA PHE B 291 -6.34 22.28 -12.91
C PHE B 291 -7.14 21.34 -12.02
N ILE B 292 -7.97 21.95 -11.16
CA ILE B 292 -8.97 21.23 -10.38
C ILE B 292 -10.30 21.91 -10.64
N GLY B 293 -11.33 21.13 -10.83
CA GLY B 293 -12.68 21.61 -10.95
C GLY B 293 -13.34 21.63 -9.58
N LEU B 294 -14.02 22.75 -9.32
CA LEU B 294 -14.85 22.90 -8.15
C LEU B 294 -16.32 23.01 -8.54
N ASN B 295 -17.14 22.17 -7.94
CA ASN B 295 -18.60 22.34 -7.91
C ASN B 295 -18.96 22.79 -6.51
N TYR B 296 -19.04 24.09 -6.34
CA TYR B 296 -19.37 24.72 -5.09
C TYR B 296 -20.84 25.14 -5.10
N TYR B 297 -21.53 24.88 -4.00
CA TYR B 297 -22.87 25.42 -3.77
C TYR B 297 -22.96 26.13 -2.40
N GLN B 298 -22.63 25.42 -1.35
CA GLN B 298 -22.67 25.94 -0.01
C GLN B 298 -21.52 25.44 0.86
N PRO B 299 -21.25 26.12 1.97
CA PRO B 299 -20.47 25.52 3.03
C PRO B 299 -21.33 24.62 3.87
N ILE B 300 -20.72 23.99 4.86
CA ILE B 300 -21.47 23.32 5.92
C ILE B 300 -20.95 23.87 7.23
N ARG B 301 -21.87 24.05 8.17
CA ARG B 301 -21.56 24.45 9.53
C ARG B 301 -21.80 23.19 10.36
N VAL B 302 -20.91 22.88 11.29
CA VAL B 302 -20.97 21.56 11.94
C VAL B 302 -20.82 21.63 13.44
N GLU B 303 -21.46 20.69 14.11
CA GLU B 303 -21.23 20.45 15.52
C GLU B 303 -21.04 18.96 15.68
N ARG B 304 -20.38 18.59 16.76
CA ARG B 304 -20.06 17.20 17.03
C ARG B 304 -21.31 16.44 17.49
N TYR B 305 -21.22 15.10 17.47
CA TYR B 305 -22.31 14.19 17.91
C TYR B 305 -23.05 14.61 19.18
N ASP B 306 -22.38 15.35 20.07
CA ASP B 306 -23.00 16.05 21.24
C ASP B 306 -23.07 17.60 21.07
N MET B 307 -21.94 18.29 21.29
CA MET B 307 -21.74 19.73 20.97
C MET B 307 -20.39 20.20 21.50
N ASN B 325 -28.55 17.30 10.55
CA ASN B 325 -28.34 16.18 9.62
C ASN B 325 -26.97 15.48 9.82
N PRO B 326 -26.97 14.18 10.21
CA PRO B 326 -25.73 13.55 10.63
C PRO B 326 -24.82 13.19 9.44
N SER B 327 -23.57 12.87 9.76
CA SER B 327 -22.59 12.42 8.79
C SER B 327 -22.43 10.91 8.93
N PHE B 328 -22.27 10.22 7.81
CA PHE B 328 -22.30 8.72 7.70
C PHE B 328 -21.57 7.87 8.77
N ASP B 329 -20.62 8.50 9.48
CA ASP B 329 -19.86 7.84 10.55
C ASP B 329 -20.26 8.38 11.92
N GLY B 330 -21.52 8.79 12.07
CA GLY B 330 -21.88 9.65 13.18
C GLY B 330 -20.89 10.80 13.27
N PHE B 331 -20.19 10.91 14.39
CA PHE B 331 -19.18 11.98 14.69
C PHE B 331 -19.61 13.45 14.65
N TYR B 332 -20.18 13.91 13.54
CA TYR B 332 -20.66 15.30 13.45
C TYR B 332 -22.03 15.38 12.81
N ARG B 333 -22.75 16.46 13.10
CA ARG B 333 -23.93 16.81 12.29
C ARG B 333 -23.75 18.19 11.68
N THR B 334 -24.53 18.42 10.62
CA THR B 334 -24.76 19.73 10.02
C THR B 334 -25.93 20.44 10.71
N VAL B 335 -25.85 21.77 10.73
CA VAL B 335 -26.83 22.59 11.41
C VAL B 335 -27.13 23.87 10.65
N LYS B 336 -28.42 24.16 10.48
CA LYS B 336 -28.85 25.48 9.96
C LYS B 336 -28.83 26.48 11.13
N MET B 337 -28.52 27.73 10.81
CA MET B 337 -28.22 28.78 11.81
C MET B 337 -28.27 30.17 11.15
N ASP B 338 -27.81 31.20 11.87
CA ASP B 338 -27.84 32.62 11.41
C ASP B 338 -26.49 33.24 10.94
N ASP B 339 -25.37 32.77 11.51
CA ASP B 339 -24.01 33.22 11.14
C ASP B 339 -23.32 32.36 10.04
N TRP B 347 -28.29 24.59 -0.08
CA TRP B 347 -29.32 25.49 0.44
C TRP B 347 -28.82 26.77 1.18
N GLU B 348 -27.72 26.69 1.93
CA GLU B 348 -27.08 27.90 2.48
C GLU B 348 -26.45 28.69 1.31
N ILE B 349 -26.54 30.02 1.36
CA ILE B 349 -25.72 30.87 0.46
C ILE B 349 -24.79 31.70 1.34
N SER B 350 -23.49 31.60 1.07
CA SER B 350 -22.44 32.23 1.87
C SER B 350 -21.22 32.56 0.98
N PRO B 351 -21.16 33.80 0.50
CA PRO B 351 -19.97 34.37 -0.15
C PRO B 351 -18.69 34.36 0.71
N GLU B 352 -18.83 34.69 1.99
CA GLU B 352 -17.75 34.57 2.96
C GLU B 352 -17.21 33.10 3.05
N GLY B 353 -18.14 32.16 3.09
CA GLY B 353 -17.81 30.73 3.13
C GLY B 353 -16.97 30.24 1.97
N PHE B 354 -17.35 30.67 0.76
CA PHE B 354 -16.68 30.28 -0.47
C PHE B 354 -15.27 30.82 -0.58
N LEU B 355 -15.06 32.03 -0.10
CA LEU B 355 -13.77 32.69 -0.20
C LEU B 355 -12.73 32.13 0.79
N GLU B 356 -13.17 31.99 2.05
CA GLU B 356 -12.35 31.33 3.07
C GLU B 356 -11.92 29.98 2.55
N GLY B 357 -12.89 29.22 2.05
CA GLY B 357 -12.65 27.91 1.42
C GLY B 357 -11.56 27.95 0.36
N LEU B 358 -11.70 28.90 -0.56
CA LEU B 358 -10.73 29.11 -1.62
C LEU B 358 -9.28 29.27 -1.08
N HIS B 359 -9.11 30.06 -0.02
CA HIS B 359 -7.78 30.25 0.60
C HIS B 359 -7.26 28.97 1.27
N MET B 360 -8.15 28.29 2.00
CA MET B 360 -7.92 26.95 2.57
C MET B 360 -7.45 25.95 1.50
N LEU B 361 -7.97 26.05 0.26
CA LEU B 361 -7.46 25.27 -0.87
C LEU B 361 -6.09 25.73 -1.41
N LYS B 362 -5.72 27.00 -1.24
CA LYS B 362 -4.42 27.46 -1.75
C LYS B 362 -3.30 27.15 -0.77
N ALA B 363 -3.61 27.24 0.52
CA ALA B 363 -2.64 26.89 1.56
C ALA B 363 -2.11 25.45 1.39
N ARG B 364 -3.02 24.53 1.04
CA ARG B 364 -2.71 23.10 0.91
C ARG B 364 -2.18 22.68 -0.45
N TYR B 365 -2.82 23.13 -1.51
CA TYR B 365 -2.51 22.61 -2.85
C TYR B 365 -1.62 23.53 -3.67
N GLY B 366 -1.34 24.71 -3.11
CA GLY B 366 -0.49 25.71 -3.76
C GLY B 366 -1.30 26.55 -4.73
N ASP B 367 -0.63 27.07 -5.74
CA ASP B 367 -1.24 28.00 -6.65
C ASP B 367 -1.99 27.27 -7.77
N ILE B 368 -2.65 26.18 -7.43
CA ILE B 368 -3.25 25.35 -8.45
C ILE B 368 -4.31 26.15 -9.20
N LYS B 369 -4.44 25.88 -10.48
CA LYS B 369 -5.38 26.58 -11.35
C LYS B 369 -6.78 26.00 -11.11
N MET B 370 -7.77 26.87 -10.84
CA MET B 370 -9.16 26.45 -10.46
C MET B 370 -10.23 26.88 -11.47
N TYR B 371 -11.15 25.96 -11.75
CA TYR B 371 -12.37 26.24 -12.49
C TYR B 371 -13.53 26.00 -11.57
N VAL B 372 -14.36 27.02 -11.35
CA VAL B 372 -15.62 26.83 -10.63
C VAL B 372 -16.59 26.25 -11.63
N THR B 373 -16.52 24.93 -11.80
CA THR B 373 -17.19 24.22 -12.91
C THR B 373 -18.71 24.01 -12.69
N GLU B 374 -19.19 24.44 -11.53
CA GLU B 374 -20.60 24.47 -11.22
C GLU B 374 -20.79 25.47 -10.08
N ASN B 375 -21.77 26.33 -10.28
CA ASN B 375 -22.30 27.19 -9.25
C ASN B 375 -23.55 27.75 -9.86
N GLY B 376 -24.64 27.75 -9.09
CA GLY B 376 -25.88 28.36 -9.55
C GLY B 376 -26.97 28.11 -8.54
N LEU B 377 -28.20 28.45 -8.91
CA LEU B 377 -29.33 28.29 -7.98
C LEU B 377 -30.48 27.56 -8.63
N GLY B 378 -30.90 26.49 -7.97
CA GLY B 378 -32.11 25.78 -8.33
C GLY B 378 -33.27 26.52 -7.71
N ASP B 379 -34.39 26.58 -8.41
CA ASP B 379 -35.51 27.41 -7.95
C ASP B 379 -36.76 27.04 -8.71
N GLU B 380 -37.91 27.34 -8.11
CA GLU B 380 -39.17 27.50 -8.85
C GLU B 380 -39.15 28.96 -9.34
N ASP B 381 -38.74 29.15 -10.60
CA ASP B 381 -38.58 30.52 -11.13
C ASP B 381 -39.93 31.27 -11.12
N PRO B 382 -39.94 32.54 -10.66
CA PRO B 382 -41.07 33.46 -10.88
C PRO B 382 -41.32 33.63 -12.37
N ILE B 383 -42.60 33.52 -12.75
CA ILE B 383 -43.07 33.75 -14.11
C ILE B 383 -44.12 34.86 -14.08
N ILE B 384 -43.94 35.86 -14.95
CA ILE B 384 -44.88 36.97 -15.14
C ILE B 384 -45.11 37.16 -16.65
N ASP B 385 -46.36 37.08 -17.09
CA ASP B 385 -46.74 37.22 -18.52
C ASP B 385 -45.93 36.29 -19.46
N GLY B 386 -45.67 35.09 -18.98
CA GLY B 386 -44.85 34.13 -19.72
C GLY B 386 -43.36 34.43 -19.80
N GLU B 387 -42.90 35.40 -18.99
CA GLU B 387 -41.48 35.77 -18.93
C GLU B 387 -40.90 35.27 -17.62
N ILE B 388 -39.69 34.72 -17.70
CA ILE B 388 -39.05 34.12 -16.55
C ILE B 388 -38.16 35.22 -15.95
N VAL B 389 -38.53 35.69 -14.77
CA VAL B 389 -37.83 36.80 -14.11
C VAL B 389 -37.10 36.21 -12.91
N ASP B 390 -36.13 35.35 -13.24
CA ASP B 390 -35.34 34.61 -12.26
C ASP B 390 -34.28 35.48 -11.58
N VAL B 391 -34.73 36.48 -10.82
CA VAL B 391 -33.78 37.38 -10.18
C VAL B 391 -33.00 36.72 -9.00
N PRO B 392 -33.60 35.71 -8.32
CA PRO B 392 -32.81 34.94 -7.31
C PRO B 392 -31.49 34.34 -7.86
N ARG B 393 -31.59 33.68 -9.01
CA ARG B 393 -30.45 33.10 -9.71
C ARG B 393 -29.40 34.14 -10.09
N ILE B 394 -29.84 35.22 -10.73
CA ILE B 394 -28.96 36.38 -11.00
C ILE B 394 -28.27 36.81 -9.68
N LYS B 395 -29.04 36.92 -8.61
CA LYS B 395 -28.48 37.41 -7.36
C LYS B 395 -27.46 36.43 -6.81
N PHE B 396 -27.74 35.15 -6.98
CA PHE B 396 -26.88 34.10 -6.49
C PHE B 396 -25.52 34.15 -7.24
N ILE B 397 -25.61 34.08 -8.56
CA ILE B 397 -24.45 34.18 -9.45
C ILE B 397 -23.66 35.46 -9.16
N GLU B 398 -24.30 36.62 -9.26
CA GLU B 398 -23.66 37.91 -8.93
C GLU B 398 -22.80 37.92 -7.65
N ALA B 399 -23.29 37.28 -6.59
CA ALA B 399 -22.63 37.27 -5.30
C ALA B 399 -21.39 36.41 -5.32
N HIS B 400 -21.42 35.35 -6.14
CA HIS B 400 -20.32 34.39 -6.21
C HIS B 400 -19.23 34.90 -7.15
N LEU B 401 -19.67 35.43 -8.29
CA LEU B 401 -18.79 36.15 -9.23
C LEU B 401 -18.02 37.29 -8.56
N LYS B 402 -18.70 38.02 -7.68
CA LYS B 402 -18.11 39.11 -6.90
C LYS B 402 -16.94 38.63 -6.05
N VAL B 403 -17.17 37.61 -5.23
CA VAL B 403 -16.07 37.08 -4.42
C VAL B 403 -14.97 36.36 -5.22
N MET B 404 -15.28 35.74 -6.34
CA MET B 404 -14.23 35.25 -7.24
C MET B 404 -13.31 36.38 -7.68
N LYS B 405 -13.90 37.55 -7.87
CA LYS B 405 -13.15 38.75 -8.21
C LYS B 405 -12.20 39.13 -7.06
N ARG B 406 -12.70 39.07 -5.83
CA ARG B 406 -11.89 39.28 -4.65
C ARG B 406 -10.78 38.22 -4.56
N ALA B 407 -11.18 36.96 -4.66
CA ALA B 407 -10.27 35.82 -4.69
C ALA B 407 -9.12 35.98 -5.70
N ILE B 408 -9.43 36.50 -6.89
CA ILE B 408 -8.42 36.71 -7.92
C ILE B 408 -7.51 37.86 -7.51
N GLU B 409 -8.06 38.95 -7.03
CA GLU B 409 -7.21 40.03 -6.49
C GLU B 409 -6.37 39.55 -5.29
N GLU B 410 -6.93 38.65 -4.49
CA GLU B 410 -6.25 38.08 -3.34
C GLU B 410 -5.27 36.96 -3.66
N GLY B 411 -4.92 36.77 -4.94
CA GLY B 411 -3.95 35.76 -5.34
C GLY B 411 -4.47 34.45 -5.92
N ILE B 412 -5.73 34.10 -5.68
CA ILE B 412 -6.21 32.79 -6.10
C ILE B 412 -6.32 32.66 -7.62
N ASN B 413 -5.99 31.47 -8.13
CA ASN B 413 -5.80 31.22 -9.55
C ASN B 413 -7.07 30.66 -10.22
N LEU B 414 -8.07 31.52 -10.32
CA LEU B 414 -9.36 31.17 -10.89
C LEU B 414 -9.40 31.55 -12.35
N LYS B 415 -9.65 30.57 -13.21
CA LYS B 415 -9.63 30.78 -14.64
C LYS B 415 -10.90 30.34 -15.34
N GLY B 416 -11.98 30.15 -14.60
CA GLY B 416 -13.25 30.00 -15.27
C GLY B 416 -14.37 29.84 -14.32
N TYR B 417 -15.57 30.07 -14.85
CA TYR B 417 -16.83 30.04 -14.10
C TYR B 417 -17.94 29.45 -14.95
N TYR B 418 -18.60 28.43 -14.40
CA TYR B 418 -19.63 27.72 -15.14
C TYR B 418 -20.87 27.66 -14.30
N ALA B 419 -21.84 28.50 -14.68
CA ALA B 419 -23.13 28.52 -13.99
C ALA B 419 -23.82 27.17 -14.18
N TRP B 420 -24.26 26.55 -13.09
CA TRP B 420 -24.86 25.25 -13.24
C TRP B 420 -26.22 25.57 -13.78
N SER B 421 -26.22 25.27 -15.10
CA SER B 421 -27.27 24.84 -15.99
C SER B 421 -27.34 25.93 -17.02
N VAL B 422 -26.89 25.61 -18.23
CA VAL B 422 -27.06 26.51 -19.35
C VAL B 422 -28.54 26.59 -19.79
N ILE B 423 -29.24 25.47 -19.58
CA ILE B 423 -30.60 25.22 -20.03
C ILE B 423 -31.32 24.39 -18.91
N ASP B 424 -32.56 24.71 -18.60
CA ASP B 424 -33.38 23.86 -17.74
C ASP B 424 -33.24 22.42 -18.18
N LEU B 425 -33.24 21.53 -17.20
CA LEU B 425 -32.93 20.11 -17.39
C LEU B 425 -33.49 19.22 -16.29
N LEU B 426 -33.51 17.91 -16.58
CA LEU B 426 -34.07 16.90 -15.70
C LEU B 426 -33.13 16.69 -14.52
N SER B 427 -33.57 17.07 -13.33
CA SER B 427 -32.87 16.62 -12.11
C SER B 427 -32.98 15.10 -12.00
N TRP B 428 -32.01 14.52 -11.30
CA TRP B 428 -31.85 13.06 -11.17
C TRP B 428 -32.97 12.49 -10.33
N LEU B 429 -33.25 13.26 -9.29
CA LEU B 429 -34.06 12.92 -8.14
C LEU B 429 -35.41 13.67 -8.20
N ASN B 430 -35.33 14.97 -8.44
CA ASN B 430 -36.47 15.89 -8.27
C ASN B 430 -37.28 16.18 -9.54
N GLY B 431 -37.23 15.29 -10.55
CA GLY B 431 -37.91 15.56 -11.84
C GLY B 431 -37.68 16.96 -12.42
N TYR B 432 -38.75 17.59 -12.95
CA TYR B 432 -38.60 18.92 -13.57
C TYR B 432 -39.01 20.10 -12.66
N LYS B 433 -39.11 19.87 -11.35
CA LYS B 433 -39.73 20.84 -10.45
C LYS B 433 -38.90 22.06 -10.10
N LYS B 434 -37.60 21.88 -9.86
CA LYS B 434 -36.73 23.00 -9.47
C LYS B 434 -35.80 23.34 -10.65
N GLN B 435 -36.19 24.38 -11.39
CA GLN B 435 -35.45 24.86 -12.57
C GLN B 435 -34.01 25.18 -12.17
N TYR B 436 -33.14 25.03 -13.16
CA TYR B 436 -31.75 25.40 -13.03
C TYR B 436 -31.42 26.11 -14.35
N GLY B 437 -30.53 27.07 -14.29
CA GLY B 437 -30.07 27.67 -15.55
C GLY B 437 -30.84 28.78 -16.25
N PHE B 438 -30.34 29.10 -17.46
CA PHE B 438 -30.59 30.35 -18.17
C PHE B 438 -31.63 30.28 -19.27
N ILE B 439 -31.65 29.19 -20.03
CA ILE B 439 -32.66 28.95 -21.02
C ILE B 439 -33.77 28.20 -20.30
N PHE B 440 -35.00 28.66 -20.50
CA PHE B 440 -36.19 27.99 -19.99
C PHE B 440 -36.70 26.99 -21.04
N VAL B 441 -37.11 25.81 -20.57
CA VAL B 441 -37.74 24.79 -21.42
C VAL B 441 -39.23 24.63 -21.06
N ASP B 442 -40.10 24.81 -22.05
CA ASP B 442 -41.55 24.86 -21.78
C ASP B 442 -42.13 23.47 -21.96
N HIS B 443 -42.44 22.83 -20.84
CA HIS B 443 -43.01 21.48 -20.85
C HIS B 443 -44.42 21.40 -21.42
N ASN B 444 -45.11 22.54 -21.43
CA ASN B 444 -46.43 22.69 -22.03
C ASN B 444 -46.46 23.04 -23.52
N ASP B 445 -45.32 23.34 -24.13
CA ASP B 445 -45.28 23.74 -25.55
C ASP B 445 -44.19 23.00 -26.36
N ASN B 446 -44.23 21.67 -26.32
CA ASN B 446 -43.28 20.80 -27.08
C ASN B 446 -41.82 21.19 -26.75
N LEU B 447 -41.56 21.48 -25.46
CA LEU B 447 -40.20 21.75 -24.96
C LEU B 447 -39.53 22.93 -25.69
N LYS B 448 -40.31 23.99 -25.88
CA LYS B 448 -39.85 25.18 -26.61
C LYS B 448 -38.87 25.93 -25.70
N ARG B 449 -37.78 26.44 -26.28
CA ARG B 449 -36.78 27.24 -25.49
C ARG B 449 -37.18 28.69 -25.43
N LYS B 450 -36.83 29.35 -24.33
CA LYS B 450 -37.07 30.78 -24.17
C LYS B 450 -36.04 31.42 -23.24
N LYS B 451 -35.50 32.56 -23.62
CA LYS B 451 -34.50 33.22 -22.78
C LYS B 451 -35.12 33.69 -21.49
N LYS B 452 -34.50 33.37 -20.36
CA LYS B 452 -34.88 33.91 -19.06
C LYS B 452 -34.15 35.21 -18.80
N LEU B 453 -34.60 35.93 -17.78
CA LEU B 453 -33.93 37.17 -17.37
C LEU B 453 -32.44 36.97 -17.14
N SER B 454 -32.05 35.86 -16.53
CA SER B 454 -30.63 35.56 -16.24
C SER B 454 -29.78 35.47 -17.51
N PHE B 455 -30.32 34.85 -18.56
CA PHE B 455 -29.68 34.82 -19.88
C PHE B 455 -29.25 36.24 -20.30
N HIS B 456 -30.20 37.18 -20.37
CA HIS B 456 -29.89 38.60 -20.73
C HIS B 456 -28.89 39.22 -19.77
N TRP B 457 -29.02 38.95 -18.48
CA TRP B 457 -28.07 39.51 -17.51
C TRP B 457 -26.64 38.99 -17.76
N TYR B 458 -26.52 37.66 -17.80
CA TYR B 458 -25.23 37.00 -17.94
C TYR B 458 -24.49 37.44 -19.20
N LYS B 459 -25.20 37.53 -20.33
CA LYS B 459 -24.64 38.09 -21.58
C LYS B 459 -23.94 39.43 -21.36
N ARG B 460 -24.57 40.33 -20.62
CA ARG B 460 -23.96 41.66 -20.30
C ARG B 460 -22.76 41.52 -19.33
N VAL B 461 -22.90 40.63 -18.35
CA VAL B 461 -21.76 40.30 -17.48
C VAL B 461 -20.53 39.79 -18.26
N VAL B 462 -20.76 38.91 -19.23
CA VAL B 462 -19.70 38.39 -20.14
C VAL B 462 -19.10 39.53 -20.98
N GLU B 463 -19.94 40.21 -21.75
CA GLU B 463 -19.52 41.37 -22.57
C GLU B 463 -18.71 42.42 -21.80
N THR B 464 -19.06 42.67 -20.55
CA THR B 464 -18.34 43.63 -19.71
C THR B 464 -17.23 43.00 -18.86
N ARG B 465 -17.09 41.67 -18.94
CA ARG B 465 -16.12 40.91 -18.19
C ARG B 465 -16.17 41.19 -16.67
N GLY B 466 -17.39 41.36 -16.15
CA GLY B 466 -17.63 41.52 -14.72
C GLY B 466 -17.27 42.84 -14.05
N GLU B 467 -17.73 43.97 -14.60
CA GLU B 467 -17.67 45.28 -13.88
C GLU B 467 -18.90 45.58 -12.96
N GLU B 468 -18.68 45.35 -11.65
CA GLU B 468 -19.71 45.42 -10.58
C GLU B 468 -19.24 45.39 -9.06
N LEU B 469 -18.04 45.83 -8.66
CA LEU B 469 -17.20 46.87 -9.29
C LEU B 469 -15.65 46.63 -9.15
N HIS B 470 -15.07 46.91 -7.98
CA HIS B 470 -13.60 46.89 -7.76
C HIS B 470 -12.82 47.80 -8.73
#